data_5NJK
#
_entry.id   5NJK
#
_cell.length_a   75.270
_cell.length_b   81.870
_cell.length_c   235.680
_cell.angle_alpha   90.00
_cell.angle_beta   90.00
_cell.angle_gamma   90.00
#
_symmetry.space_group_name_H-M   'P 21 21 21'
#
loop_
_entity.id
_entity.type
_entity.pdbx_description
1 polymer 'Protein numb homolog'
2 polymer ALA-TYR-ILE-GLY-PRO-PTR-LEU
3 non-polymer 'SULFATE ION'
4 water water
#
loop_
_entity_poly.entity_id
_entity_poly.type
_entity_poly.pdbx_seq_one_letter_code
_entity_poly.pdbx_strand_id
1 'polypeptide(L)'
;SRPHQWQTDEEGVRTGKCSFPVKYLGHVEVDESRGMHICEDAVKRLKAERKFFKGFFGKTGKKAVKAVLWVSADGLRVVD
EKTKDLIVDQTIEKVSFCAPDRNFDRAFSYICRDGTTRRWICHCFMAVKDTGERLSHAVGCAFAACLERKQKREKE
;
A,B,C,D,E,F
2 'polypeptide(L)' AYIGP(PTR)L H,G,I,J,K,M
#
# COMPACT_ATOMS: atom_id res chain seq x y z
N TRP A 6 -23.41 -16.64 30.85
CA TRP A 6 -22.11 -16.25 30.34
C TRP A 6 -21.05 -17.09 31.06
N GLN A 7 -21.47 -17.91 32.02
CA GLN A 7 -20.58 -18.87 32.72
C GLN A 7 -19.90 -19.88 31.73
N THR A 8 -20.69 -20.26 30.73
CA THR A 8 -20.24 -21.20 29.71
C THR A 8 -19.19 -20.46 28.90
N ASP A 9 -19.35 -19.14 28.82
CA ASP A 9 -18.48 -18.33 28.03
C ASP A 9 -17.10 -18.47 28.71
N GLU A 10 -17.10 -18.44 30.04
CA GLU A 10 -15.88 -18.49 30.87
C GLU A 10 -15.10 -19.82 30.75
N GLU A 11 -15.87 -20.91 30.75
CA GLU A 11 -15.27 -22.23 30.65
C GLU A 11 -14.74 -22.47 29.22
N GLY A 12 -15.36 -21.79 28.26
CA GLY A 12 -14.98 -21.86 26.86
C GLY A 12 -13.66 -21.17 26.73
N VAL A 13 -13.51 -20.03 27.40
CA VAL A 13 -12.23 -19.33 27.36
C VAL A 13 -11.10 -20.20 27.89
N ARG A 14 -11.33 -20.89 29.01
CA ARG A 14 -10.27 -21.81 29.48
C ARG A 14 -9.96 -23.00 28.56
N THR A 15 -10.98 -23.55 27.93
CA THR A 15 -10.87 -24.71 27.02
C THR A 15 -10.67 -24.48 25.52
N GLY A 16 -10.41 -23.25 25.10
CA GLY A 16 -10.17 -22.97 23.71
C GLY A 16 -11.36 -23.28 22.79
N LYS A 17 -12.57 -23.14 23.36
CA LYS A 17 -13.81 -23.43 22.65
C LYS A 17 -14.65 -22.15 22.40
N CYS A 18 -14.22 -21.01 22.93
CA CYS A 18 -15.05 -19.80 22.84
C CYS A 18 -14.82 -19.12 21.48
N SER A 19 -15.84 -18.95 20.65
CA SER A 19 -15.66 -18.31 19.33
C SER A 19 -16.75 -17.31 18.90
N PHE A 20 -16.43 -16.34 18.05
CA PHE A 20 -17.45 -15.40 17.56
C PHE A 20 -17.30 -15.09 16.10
N PRO A 21 -18.40 -15.20 15.34
CA PRO A 21 -18.38 -14.76 13.94
C PRO A 21 -18.28 -13.25 13.90
N VAL A 22 -17.32 -12.72 13.17
CA VAL A 22 -17.07 -11.30 13.17
C VAL A 22 -16.73 -10.81 11.76
N LYS A 23 -16.66 -9.50 11.68
CA LYS A 23 -16.05 -8.83 10.56
C LYS A 23 -14.90 -8.02 11.11
N TYR A 24 -13.70 -8.39 10.71
CA TYR A 24 -12.47 -7.76 11.16
C TYR A 24 -12.27 -6.47 10.38
N LEU A 25 -12.36 -5.34 11.08
CA LEU A 25 -12.26 -4.05 10.43
C LEU A 25 -10.82 -3.65 10.14
N GLY A 26 -9.90 -3.99 11.03
CA GLY A 26 -8.51 -3.64 10.83
C GLY A 26 -7.90 -2.92 12.03
N HIS A 27 -6.65 -2.59 11.94
CA HIS A 27 -5.96 -1.87 12.99
C HIS A 27 -5.69 -0.37 12.76
N VAL A 28 -5.51 0.40 13.84
CA VAL A 28 -5.23 1.84 13.80
C VAL A 28 -4.33 2.25 14.97
N GLU A 29 -3.41 3.20 14.74
CA GLU A 29 -2.61 3.84 15.80
C GLU A 29 -3.54 4.59 16.75
N VAL A 30 -3.31 4.44 18.05
CA VAL A 30 -4.08 5.17 19.05
C VAL A 30 -3.07 5.70 20.07
N ASP A 31 -3.30 6.88 20.64
CA ASP A 31 -2.33 7.52 21.54
C ASP A 31 -2.27 7.09 23.03
N GLU A 32 -3.10 6.13 23.45
CA GLU A 32 -3.16 5.68 24.85
C GLU A 32 -3.45 4.20 25.00
N SER A 33 -3.05 3.61 26.12
CA SER A 33 -3.36 2.21 26.36
C SER A 33 -4.82 1.95 26.75
N ARG A 34 -5.57 2.95 27.21
CA ARG A 34 -6.94 2.66 27.61
C ARG A 34 -7.82 3.83 27.25
N GLY A 35 -9.14 3.67 27.34
CA GLY A 35 -10.01 4.78 27.03
C GLY A 35 -11.15 4.18 26.26
N MET A 36 -12.34 4.40 26.77
CA MET A 36 -13.57 3.91 26.17
C MET A 36 -13.78 4.72 24.82
N HIS A 37 -13.37 5.97 24.87
CA HIS A 37 -13.40 6.89 23.73
C HIS A 37 -12.24 6.77 22.77
N ILE A 38 -11.09 6.33 23.26
CA ILE A 38 -9.97 6.07 22.38
C ILE A 38 -10.40 5.02 21.36
N CYS A 39 -11.13 4.02 21.86
CA CYS A 39 -11.73 2.98 21.05
C CYS A 39 -12.79 3.50 20.10
N GLU A 40 -13.84 4.11 20.64
CA GLU A 40 -14.86 4.73 19.77
C GLU A 40 -14.23 5.46 18.58
N ASP A 41 -13.22 6.28 18.85
CA ASP A 41 -12.47 6.97 17.80
C ASP A 41 -11.88 6.02 16.79
N ALA A 42 -11.06 5.07 17.22
CA ALA A 42 -10.47 4.16 16.24
C ALA A 42 -11.55 3.49 15.36
N VAL A 43 -12.74 3.26 15.93
CA VAL A 43 -13.86 2.67 15.15
C VAL A 43 -14.28 3.67 14.09
N LYS A 44 -14.41 4.92 14.51
CA LYS A 44 -14.79 5.86 13.54
C LYS A 44 -13.78 6.16 12.44
N ARG A 45 -12.52 6.01 12.78
CA ARG A 45 -11.47 6.11 11.79
C ARG A 45 -11.55 5.00 10.72
N LEU A 46 -11.60 3.76 11.17
CA LEU A 46 -11.60 2.67 10.21
C LEU A 46 -12.83 2.70 9.36
N LYS A 47 -13.92 3.04 10.00
CA LYS A 47 -15.17 3.10 9.30
C LYS A 47 -15.19 4.28 8.25
N ALA A 48 -14.36 5.28 8.50
CA ALA A 48 -14.26 6.40 7.57
C ALA A 48 -13.18 6.28 6.52
N GLU A 49 -12.54 5.12 6.53
CA GLU A 49 -11.37 4.87 5.72
C GLU A 49 -12.13 4.00 4.77
N ARG A 50 -12.75 2.92 5.24
CA ARG A 50 -13.49 2.04 4.32
C ARG A 50 -14.44 2.90 3.48
N LYS A 51 -14.93 4.01 4.04
CA LYS A 51 -15.69 4.93 3.18
C LYS A 51 -14.80 5.73 2.22
N PHE A 52 -13.61 6.19 2.62
CA PHE A 52 -12.75 6.90 1.63
C PHE A 52 -12.33 6.07 0.41
N PHE A 53 -11.69 4.94 0.67
CA PHE A 53 -11.50 3.91 -0.35
C PHE A 53 -12.89 3.50 -0.70
N LYS A 54 -13.13 2.91 -1.85
CA LYS A 54 -14.47 2.40 -2.15
C LYS A 54 -15.37 3.56 -2.58
N GLY A 55 -14.85 4.77 -2.43
CA GLY A 55 -15.22 5.91 -3.22
C GLY A 55 -14.42 5.82 -4.52
N PHE A 56 -13.24 5.22 -4.43
CA PHE A 56 -12.36 5.07 -5.60
C PHE A 56 -12.24 3.62 -6.11
N PHE A 57 -12.50 2.65 -5.24
CA PHE A 57 -12.20 1.29 -5.61
C PHE A 57 -13.38 0.35 -5.49
N GLY A 58 -14.50 0.88 -5.03
CA GLY A 58 -15.74 0.14 -5.01
C GLY A 58 -15.91 -0.80 -3.85
N LYS A 59 -16.69 -1.84 -4.05
CA LYS A 59 -16.98 -2.78 -2.98
C LYS A 59 -15.73 -3.52 -2.48
N THR A 60 -14.61 -3.36 -3.19
CA THR A 60 -13.43 -4.20 -2.97
C THR A 60 -12.59 -3.77 -1.78
N GLY A 61 -12.33 -2.46 -1.66
CA GLY A 61 -11.43 -2.01 -0.61
C GLY A 61 -11.97 -0.87 0.22
N LYS A 62 -11.37 -0.66 1.39
CA LYS A 62 -10.57 -1.68 1.99
C LYS A 62 -11.56 -2.46 2.85
N LYS A 63 -12.19 -3.43 2.22
CA LYS A 63 -13.16 -4.36 2.81
C LYS A 63 -12.71 -5.09 4.09
N ALA A 64 -13.58 -4.95 5.10
CA ALA A 64 -13.53 -5.70 6.34
C ALA A 64 -13.79 -7.16 6.00
N VAL A 65 -13.21 -8.04 6.79
CA VAL A 65 -12.94 -9.42 6.38
C VAL A 65 -13.75 -10.33 7.30
N LYS A 66 -14.59 -11.15 6.68
CA LYS A 66 -15.36 -12.16 7.38
C LYS A 66 -14.42 -13.14 8.03
N ALA A 67 -14.58 -13.28 9.35
CA ALA A 67 -13.70 -14.15 10.13
C ALA A 67 -14.37 -14.66 11.39
N VAL A 68 -13.63 -15.51 12.10
CA VAL A 68 -14.02 -15.98 13.42
C VAL A 68 -13.02 -15.61 14.51
N LEU A 69 -13.49 -14.98 15.58
CA LEU A 69 -12.63 -14.61 16.68
C LEU A 69 -12.60 -15.68 17.79
N TRP A 70 -11.42 -16.22 18.09
CA TRP A 70 -11.31 -17.23 19.11
C TRP A 70 -10.71 -16.55 20.32
N VAL A 71 -11.25 -16.86 21.49
CA VAL A 71 -10.81 -16.15 22.66
C VAL A 71 -10.35 -17.17 23.66
N SER A 72 -9.05 -17.16 23.92
CA SER A 72 -8.52 -18.02 24.92
C SER A 72 -7.74 -17.27 25.98
N ALA A 73 -7.38 -18.02 27.02
CA ALA A 73 -6.58 -17.53 28.13
C ALA A 73 -5.16 -17.29 27.68
N ASP A 74 -4.81 -17.86 26.53
CA ASP A 74 -3.47 -17.74 25.99
C ASP A 74 -3.34 -16.66 24.93
N GLY A 75 -4.47 -16.42 24.24
CA GLY A 75 -4.50 -15.44 23.18
C GLY A 75 -5.79 -15.30 22.41
N LEU A 76 -5.79 -14.33 21.53
CA LEU A 76 -6.92 -14.04 20.67
C LEU A 76 -6.48 -14.39 19.26
N ARG A 77 -7.33 -15.05 18.51
CA ARG A 77 -6.99 -15.42 17.14
C ARG A 77 -8.11 -15.07 16.19
N VAL A 78 -7.77 -14.60 15.01
CA VAL A 78 -8.81 -14.33 14.06
C VAL A 78 -8.57 -15.19 12.83
N VAL A 79 -9.53 -16.03 12.48
CA VAL A 79 -9.36 -16.88 11.32
C VAL A 79 -10.31 -16.52 10.16
N ASP A 80 -9.77 -16.35 8.95
CA ASP A 80 -10.55 -15.96 7.77
C ASP A 80 -11.57 -17.07 7.51
N GLU A 81 -12.84 -16.75 7.22
CA GLU A 81 -13.82 -17.80 6.94
C GLU A 81 -13.59 -18.42 5.58
N LYS A 82 -13.22 -17.58 4.62
CA LYS A 82 -12.99 -18.00 3.24
C LYS A 82 -11.74 -18.92 3.14
N THR A 83 -10.58 -18.51 3.66
CA THR A 83 -9.34 -19.28 3.43
C THR A 83 -8.89 -20.16 4.61
N LYS A 84 -9.55 -20.00 5.76
CA LYS A 84 -9.21 -20.67 7.02
C LYS A 84 -7.80 -20.37 7.47
N ASP A 85 -7.23 -19.30 6.94
CA ASP A 85 -5.92 -18.79 7.30
C ASP A 85 -5.99 -18.03 8.62
N LEU A 86 -4.98 -18.17 9.48
CA LEU A 86 -4.89 -17.38 10.69
C LEU A 86 -4.48 -15.94 10.30
N ILE A 87 -5.43 -15.02 10.45
CA ILE A 87 -5.38 -13.59 10.10
C ILE A 87 -4.73 -12.77 11.23
N VAL A 88 -5.04 -13.08 12.48
CA VAL A 88 -4.52 -12.34 13.66
C VAL A 88 -4.15 -13.39 14.80
N ASP A 89 -2.94 -13.27 15.35
CA ASP A 89 -2.43 -14.01 16.51
C ASP A 89 -1.88 -13.06 17.52
N GLN A 90 -2.77 -12.63 18.41
CA GLN A 90 -2.48 -11.61 19.38
C GLN A 90 -2.16 -12.24 20.73
N THR A 91 -0.97 -11.96 21.27
CA THR A 91 -0.64 -12.60 22.53
C THR A 91 -1.44 -11.86 23.57
N ILE A 92 -2.03 -12.59 24.53
CA ILE A 92 -2.96 -12.01 25.50
C ILE A 92 -2.24 -11.07 26.48
N GLU A 93 -0.95 -11.26 26.63
CA GLU A 93 -0.15 -10.53 27.57
C GLU A 93 0.24 -9.14 27.16
N LYS A 94 0.17 -8.87 25.87
CA LYS A 94 0.48 -7.54 25.40
C LYS A 94 -0.76 -6.76 25.04
N VAL A 95 -1.92 -7.22 25.54
CA VAL A 95 -3.15 -6.45 25.44
C VAL A 95 -3.46 -5.57 26.65
N SER A 96 -3.56 -4.28 26.40
CA SER A 96 -3.76 -3.27 27.46
C SER A 96 -5.26 -3.17 27.88
N PHE A 97 -6.19 -3.08 26.95
CA PHE A 97 -7.58 -2.70 27.26
C PHE A 97 -8.57 -3.27 26.21
N CYS A 98 -9.83 -3.45 26.57
CA CYS A 98 -10.80 -3.79 25.54
C CYS A 98 -12.15 -3.17 25.87
N ALA A 99 -13.02 -3.11 24.87
CA ALA A 99 -14.28 -2.41 25.09
C ALA A 99 -15.26 -2.54 23.96
N PRO A 100 -16.55 -2.44 24.32
CA PRO A 100 -17.60 -2.30 23.32
C PRO A 100 -17.72 -0.85 22.92
N ASP A 101 -18.77 -0.51 22.21
CA ASP A 101 -18.80 0.82 21.67
C ASP A 101 -20.12 1.49 21.99
N ARG A 102 -20.05 2.64 22.64
CA ARG A 102 -21.24 3.43 22.98
C ARG A 102 -22.17 3.76 21.79
N ASN A 103 -21.64 4.01 20.59
CA ASN A 103 -22.51 4.46 19.49
C ASN A 103 -22.69 3.39 18.42
N PHE A 104 -21.88 2.34 18.45
CA PHE A 104 -22.06 1.22 17.55
C PHE A 104 -22.31 -0.08 18.29
N ASP A 105 -23.55 -0.50 18.46
CA ASP A 105 -23.89 -1.64 19.32
C ASP A 105 -23.24 -2.99 18.96
N ARG A 106 -22.91 -3.27 17.69
CA ARG A 106 -22.21 -4.53 17.35
C ARG A 106 -20.67 -4.45 17.41
N ALA A 107 -20.12 -3.27 17.68
CA ALA A 107 -18.66 -3.02 17.67
C ALA A 107 -17.88 -3.47 18.91
N PHE A 108 -16.72 -4.04 18.66
CA PHE A 108 -15.81 -4.40 19.74
C PHE A 108 -14.36 -4.13 19.33
N SER A 109 -13.56 -3.63 20.25
CA SER A 109 -12.17 -3.35 19.90
C SER A 109 -11.28 -3.60 21.06
N TYR A 110 -9.98 -3.72 20.79
CA TYR A 110 -9.04 -3.84 21.90
C TYR A 110 -7.76 -3.12 21.57
N ILE A 111 -7.11 -2.56 22.59
CA ILE A 111 -5.83 -1.88 22.36
C ILE A 111 -4.71 -2.91 22.69
N CYS A 112 -3.54 -2.81 22.08
CA CYS A 112 -2.44 -3.72 22.41
C CYS A 112 -1.17 -2.98 22.09
N ARG A 113 -0.10 -3.36 22.76
CA ARG A 113 1.20 -2.78 22.51
C ARG A 113 1.92 -3.51 21.40
N ASP A 114 2.49 -2.72 20.50
CA ASP A 114 3.36 -3.26 19.47
C ASP A 114 4.74 -2.74 19.76
N GLY A 115 5.56 -3.71 20.19
CA GLY A 115 6.90 -3.47 20.63
C GLY A 115 7.92 -3.16 19.56
N THR A 116 7.70 -3.48 18.30
CA THR A 116 8.70 -3.07 17.32
C THR A 116 8.62 -1.60 16.91
N THR A 117 7.40 -1.19 16.60
CA THR A 117 7.08 0.17 16.24
C THR A 117 6.94 1.00 17.49
N ARG A 118 6.87 0.33 18.64
CA ARG A 118 6.76 1.08 19.89
C ARG A 118 5.58 2.02 19.93
N ARG A 119 4.38 1.46 19.78
CA ARG A 119 3.14 2.24 19.75
C ARG A 119 1.94 1.39 20.18
N TRP A 120 0.86 2.07 20.59
CA TRP A 120 -0.43 1.46 20.92
C TRP A 120 -1.29 1.29 19.69
N ILE A 121 -1.86 0.09 19.53
CA ILE A 121 -2.60 -0.24 18.30
C ILE A 121 -4.01 -0.76 18.62
N CYS A 122 -5.05 -0.07 18.14
CA CYS A 122 -6.41 -0.54 18.33
C CYS A 122 -6.71 -1.54 17.27
N HIS A 123 -7.60 -2.48 17.56
CA HIS A 123 -7.97 -3.52 16.60
C HIS A 123 -9.48 -3.67 16.68
N CYS A 124 -10.20 -3.12 15.70
CA CYS A 124 -11.65 -3.10 15.75
C CYS A 124 -12.33 -4.27 15.00
N PHE A 125 -13.50 -4.64 15.52
CA PHE A 125 -14.34 -5.69 14.98
C PHE A 125 -15.80 -5.24 14.97
N MET A 126 -16.57 -5.87 14.10
CA MET A 126 -18.01 -5.80 14.10
C MET A 126 -18.59 -7.19 14.24
N ALA A 127 -19.30 -7.43 15.35
CA ALA A 127 -19.87 -8.74 15.58
C ALA A 127 -20.97 -9.04 14.58
N VAL A 128 -21.08 -10.30 14.16
CA VAL A 128 -22.08 -10.62 13.15
C VAL A 128 -23.40 -11.03 13.76
N LYS A 129 -23.36 -11.94 14.73
CA LYS A 129 -24.58 -12.44 15.35
C LYS A 129 -24.79 -11.91 16.78
N ASP A 130 -23.76 -11.28 17.37
CA ASP A 130 -23.80 -10.86 18.78
C ASP A 130 -23.60 -9.40 19.06
N THR A 131 -23.79 -9.03 20.32
CA THR A 131 -23.50 -7.68 20.74
C THR A 131 -22.04 -7.47 21.11
N GLY A 132 -21.57 -6.24 20.93
CA GLY A 132 -20.21 -5.86 21.29
C GLY A 132 -19.86 -6.18 22.71
N GLU A 133 -20.82 -6.00 23.61
CA GLU A 133 -20.54 -6.23 25.01
C GLU A 133 -20.36 -7.72 25.33
N ARG A 134 -21.06 -8.60 24.62
CA ARG A 134 -20.82 -10.02 24.82
C ARG A 134 -19.37 -10.41 24.53
N LEU A 135 -18.84 -9.85 23.44
CA LEU A 135 -17.45 -10.11 23.06
C LEU A 135 -16.50 -9.54 24.11
N SER A 136 -16.74 -8.28 24.45
CA SER A 136 -15.90 -7.65 25.44
C SER A 136 -15.88 -8.47 26.74
N HIS A 137 -17.03 -8.97 27.17
CA HIS A 137 -17.09 -9.90 28.30
C HIS A 137 -16.23 -11.12 28.15
N ALA A 138 -16.27 -11.75 26.97
CA ALA A 138 -15.47 -12.95 26.73
C ALA A 138 -13.99 -12.64 26.89
N VAL A 139 -13.57 -11.52 26.34
CA VAL A 139 -12.16 -11.17 26.43
C VAL A 139 -11.78 -10.74 27.87
N GLY A 140 -12.71 -10.18 28.63
CA GLY A 140 -12.42 -9.94 30.03
C GLY A 140 -12.23 -11.26 30.74
N CYS A 141 -13.01 -12.28 30.41
CA CYS A 141 -12.78 -13.62 31.00
C CYS A 141 -11.42 -14.17 30.61
N ALA A 142 -11.00 -13.94 29.39
CA ALA A 142 -9.63 -14.31 28.99
C ALA A 142 -8.60 -13.62 29.85
N PHE A 143 -8.70 -12.29 29.94
CA PHE A 143 -7.82 -11.50 30.79
C PHE A 143 -7.75 -12.07 32.17
N ALA A 144 -8.90 -12.44 32.70
CA ALA A 144 -8.93 -13.00 34.03
C ALA A 144 -8.17 -14.32 34.14
N ALA A 145 -8.46 -15.29 33.29
CA ALA A 145 -7.76 -16.56 33.37
C ALA A 145 -6.26 -16.31 33.25
N CYS A 146 -5.89 -15.40 32.37
CA CYS A 146 -4.49 -15.04 32.21
C CYS A 146 -3.92 -14.52 33.54
N LEU A 147 -4.46 -13.45 34.11
CA LEU A 147 -4.02 -12.95 35.43
C LEU A 147 -3.96 -14.02 36.54
N GLU A 148 -4.90 -14.98 36.53
CA GLU A 148 -4.97 -16.03 37.56
C GLU A 148 -3.81 -17.01 37.46
N ARG A 149 -3.39 -17.28 36.23
CA ARG A 149 -2.29 -18.21 35.94
C ARG A 149 -0.91 -17.65 36.20
N LYS A 150 -0.76 -16.34 36.10
CA LYS A 150 0.49 -15.70 36.40
C LYS A 150 0.89 -15.89 37.86
N GLN A 151 1.88 -16.77 38.06
CA GLN A 151 2.40 -17.08 39.39
C GLN A 151 3.31 -15.94 39.84
N LYS A 152 3.64 -15.89 41.12
CA LYS A 152 4.59 -14.89 41.63
C LYS A 152 6.01 -15.18 41.16
N GLN B 7 -27.43 -2.44 -32.20
CA GLN B 7 -28.49 -3.39 -32.53
C GLN B 7 -28.26 -4.77 -31.85
N THR B 8 -27.02 -5.25 -31.77
CA THR B 8 -26.77 -6.54 -31.11
C THR B 8 -26.91 -6.43 -29.57
N ASP B 9 -26.61 -5.23 -29.06
CA ASP B 9 -26.62 -4.96 -27.62
C ASP B 9 -28.02 -5.10 -27.04
N GLU B 10 -29.05 -4.64 -27.75
CA GLU B 10 -30.44 -4.67 -27.26
C GLU B 10 -30.90 -6.08 -27.00
N GLU B 11 -30.55 -6.96 -27.94
CA GLU B 11 -30.92 -8.35 -27.85
C GLU B 11 -30.03 -8.94 -26.75
N GLY B 12 -28.86 -8.34 -26.54
CA GLY B 12 -27.94 -8.77 -25.49
C GLY B 12 -28.35 -8.46 -24.05
N VAL B 13 -28.85 -7.25 -23.81
CA VAL B 13 -29.33 -6.83 -22.50
C VAL B 13 -30.46 -7.71 -22.00
N ARG B 14 -31.40 -8.01 -22.88
CA ARG B 14 -32.51 -8.91 -22.55
C ARG B 14 -32.03 -10.34 -22.27
N THR B 15 -31.00 -10.79 -22.96
CA THR B 15 -30.51 -12.15 -22.74
C THR B 15 -29.40 -12.18 -21.67
N GLY B 16 -29.17 -11.04 -21.02
CA GLY B 16 -28.23 -10.96 -19.92
C GLY B 16 -26.80 -11.32 -20.30
N LYS B 17 -26.44 -11.09 -21.56
CA LYS B 17 -25.10 -11.45 -22.01
C LYS B 17 -24.23 -10.25 -22.33
N CYS B 18 -24.80 -9.04 -22.24
CA CYS B 18 -24.08 -7.87 -22.71
C CYS B 18 -23.05 -7.40 -21.69
N SER B 19 -21.78 -7.35 -22.13
CA SER B 19 -20.66 -6.95 -21.26
C SER B 19 -19.67 -5.98 -21.94
N PHE B 20 -18.97 -5.18 -21.13
CA PHE B 20 -17.93 -4.26 -21.59
C PHE B 20 -16.70 -4.22 -20.65
N PRO B 21 -15.47 -4.34 -21.17
CA PRO B 21 -14.27 -4.13 -20.34
C PRO B 21 -14.09 -2.66 -19.92
N VAL B 22 -13.92 -2.39 -18.63
CA VAL B 22 -13.86 -1.03 -18.12
C VAL B 22 -12.79 -0.87 -17.05
N LYS B 23 -12.53 0.39 -16.72
CA LYS B 23 -11.78 0.81 -15.54
C LYS B 23 -12.67 1.68 -14.68
N TYR B 24 -12.95 1.24 -13.46
CA TYR B 24 -13.86 1.99 -12.62
C TYR B 24 -13.20 3.16 -11.95
N LEU B 25 -13.60 4.39 -12.30
CA LEU B 25 -12.96 5.57 -11.70
C LEU B 25 -13.46 5.86 -10.28
N GLY B 26 -14.72 5.58 -10.05
CA GLY B 26 -15.36 5.79 -8.76
C GLY B 26 -16.65 6.57 -8.78
N HIS B 27 -17.27 6.72 -7.60
CA HIS B 27 -18.49 7.48 -7.37
C HIS B 27 -18.26 8.84 -6.72
N VAL B 28 -19.19 9.76 -6.92
CA VAL B 28 -19.12 11.13 -6.38
C VAL B 28 -20.51 11.69 -6.05
N GLU B 29 -20.54 12.46 -4.98
CA GLU B 29 -21.71 13.24 -4.62
C GLU B 29 -21.99 14.23 -5.77
N VAL B 30 -23.25 14.30 -6.22
CA VAL B 30 -23.72 15.26 -7.27
C VAL B 30 -25.06 15.87 -6.93
N ASP B 31 -25.22 17.13 -7.34
CA ASP B 31 -26.40 17.91 -6.99
C ASP B 31 -27.70 17.73 -7.81
N GLU B 32 -27.71 16.84 -8.79
CA GLU B 32 -28.90 16.63 -9.65
C GLU B 32 -29.12 15.18 -10.10
N SER B 33 -30.37 14.82 -10.40
CA SER B 33 -30.64 13.47 -10.92
C SER B 33 -30.25 13.36 -12.39
N ARG B 34 -30.11 14.47 -13.10
CA ARG B 34 -29.77 14.38 -14.52
C ARG B 34 -28.86 15.51 -14.91
N GLY B 35 -28.29 15.44 -16.10
CA GLY B 35 -27.40 16.50 -16.52
C GLY B 35 -26.22 15.90 -17.25
N MET B 36 -26.03 16.34 -18.47
CA MET B 36 -24.96 15.90 -19.34
C MET B 36 -23.60 16.46 -18.78
N HIS B 37 -23.67 17.67 -18.22
CA HIS B 37 -22.52 18.32 -17.58
C HIS B 37 -22.27 17.86 -16.14
N ILE B 38 -23.32 17.46 -15.44
CA ILE B 38 -23.09 16.94 -14.11
C ILE B 38 -22.13 15.75 -14.21
N CYS B 39 -22.34 14.91 -15.21
CA CYS B 39 -21.46 13.80 -15.50
C CYS B 39 -20.07 14.22 -15.94
N GLU B 40 -19.99 14.95 -17.05
CA GLU B 40 -18.67 15.44 -17.50
C GLU B 40 -17.81 15.95 -16.33
N ASP B 41 -18.40 16.80 -15.50
CA ASP B 41 -17.75 17.31 -14.29
C ASP B 41 -17.28 16.21 -13.34
N ALA B 42 -18.19 15.34 -12.89
CA ALA B 42 -17.78 14.27 -11.96
C ALA B 42 -16.60 13.50 -12.55
N VAL B 43 -16.55 13.36 -13.88
CA VAL B 43 -15.41 12.71 -14.48
C VAL B 43 -14.13 13.54 -14.35
N LYS B 44 -14.14 14.84 -14.64
CA LYS B 44 -12.84 15.53 -14.51
C LYS B 44 -12.37 15.65 -13.08
N ARG B 45 -13.34 15.68 -12.16
CA ARG B 45 -13.07 15.66 -10.73
C ARG B 45 -12.37 14.37 -10.28
N LEU B 46 -12.99 13.23 -10.59
CA LEU B 46 -12.40 11.97 -10.15
C LEU B 46 -11.08 11.78 -10.83
N LYS B 47 -10.97 12.16 -12.09
CA LYS B 47 -9.72 11.95 -12.74
C LYS B 47 -8.60 12.83 -12.14
N ALA B 48 -8.95 13.95 -11.51
CA ALA B 48 -7.90 14.76 -10.86
C ALA B 48 -7.68 14.52 -9.38
N GLU B 49 -8.43 13.54 -8.91
CA GLU B 49 -8.58 13.22 -7.52
C GLU B 49 -7.71 11.97 -7.58
N ARG B 50 -8.05 11.00 -8.41
CA ARG B 50 -7.29 9.77 -8.53
C ARG B 50 -5.84 10.16 -8.87
N LYS B 51 -5.67 11.20 -9.69
CA LYS B 51 -4.32 11.70 -9.91
C LYS B 51 -3.66 12.18 -8.62
N PHE B 52 -4.32 13.05 -7.85
CA PHE B 52 -3.82 13.49 -6.52
C PHE B 52 -3.41 12.34 -5.59
N PHE B 53 -4.36 11.47 -5.30
CA PHE B 53 -4.17 10.38 -4.35
C PHE B 53 -3.36 9.21 -4.91
N LYS B 54 -2.86 9.32 -6.13
CA LYS B 54 -2.07 8.23 -6.67
C LYS B 54 -0.98 7.66 -5.72
N GLY B 55 -0.16 8.51 -5.11
CA GLY B 55 0.92 8.05 -4.26
C GLY B 55 0.48 7.33 -3.00
N PHE B 56 -0.48 7.92 -2.31
CA PHE B 56 -1.14 7.29 -1.19
C PHE B 56 -1.69 5.91 -1.58
N PHE B 57 -2.51 5.88 -2.64
CA PHE B 57 -2.99 4.61 -3.18
C PHE B 57 -1.85 3.60 -3.34
N GLY B 58 -0.80 4.05 -4.03
CA GLY B 58 0.46 3.34 -4.15
C GLY B 58 1.01 2.74 -2.88
N LYS B 59 0.92 3.43 -1.74
CA LYS B 59 1.42 2.86 -0.47
C LYS B 59 0.92 1.42 -0.30
N THR B 60 -0.40 1.23 -0.19
CA THR B 60 -1.02 -0.11 -0.05
C THR B 60 -1.07 -0.89 -1.36
N GLY B 61 -0.26 -0.50 -2.33
CA GLY B 61 -0.32 -1.07 -3.66
C GLY B 61 -1.73 -1.11 -4.29
N LYS B 62 -2.68 -0.33 -3.76
CA LYS B 62 -4.05 -0.31 -4.32
C LYS B 62 -4.05 0.32 -5.72
N LYS B 63 -4.28 -0.51 -6.73
CA LYS B 63 -4.29 -0.04 -8.10
C LYS B 63 -5.65 -0.23 -8.73
N ALA B 64 -6.05 0.71 -9.59
CA ALA B 64 -7.20 0.56 -10.46
C ALA B 64 -7.23 -0.84 -11.02
N VAL B 65 -8.41 -1.40 -11.18
CA VAL B 65 -8.53 -2.79 -11.58
C VAL B 65 -9.41 -2.90 -12.79
N LYS B 66 -8.81 -3.55 -13.77
CA LYS B 66 -9.44 -3.91 -15.02
C LYS B 66 -10.59 -4.84 -14.74
N ALA B 67 -11.78 -4.50 -15.25
CA ALA B 67 -12.94 -5.32 -14.95
C ALA B 67 -13.98 -5.30 -16.05
N VAL B 68 -15.03 -6.08 -15.85
CA VAL B 68 -16.15 -6.07 -16.78
C VAL B 68 -17.53 -5.66 -16.26
N LEU B 69 -18.12 -4.71 -16.98
CA LEU B 69 -19.43 -4.17 -16.70
C LEU B 69 -20.49 -4.95 -17.45
N TRP B 70 -21.42 -5.51 -16.68
CA TRP B 70 -22.52 -6.29 -17.20
C TRP B 70 -23.80 -5.49 -17.20
N VAL B 71 -24.55 -5.61 -18.27
CA VAL B 71 -25.76 -4.83 -18.40
C VAL B 71 -26.93 -5.74 -18.69
N SER B 72 -27.82 -5.84 -17.72
CA SER B 72 -29.06 -6.56 -17.84
C SER B 72 -30.22 -5.63 -17.46
N ALA B 73 -31.43 -6.11 -17.66
CA ALA B 73 -32.64 -5.38 -17.32
C ALA B 73 -32.81 -5.24 -15.80
N ASP B 74 -32.07 -6.03 -15.03
CA ASP B 74 -32.20 -6.00 -13.58
C ASP B 74 -31.19 -5.09 -12.91
N GLY B 75 -30.05 -4.91 -13.55
CA GLY B 75 -29.03 -4.08 -12.94
C GLY B 75 -27.76 -4.03 -13.74
N LEU B 76 -26.85 -3.21 -13.26
CA LEU B 76 -25.56 -3.06 -13.86
C LEU B 76 -24.61 -3.68 -12.83
N ARG B 77 -23.64 -4.46 -13.25
CA ARG B 77 -22.69 -5.04 -12.29
C ARG B 77 -21.29 -4.86 -12.79
N VAL B 78 -20.34 -4.54 -11.91
CA VAL B 78 -18.99 -4.46 -12.39
C VAL B 78 -18.29 -5.47 -11.61
N VAL B 79 -17.76 -6.45 -12.32
CA VAL B 79 -17.02 -7.56 -11.76
C VAL B 79 -15.55 -7.75 -12.10
N ASP B 80 -14.63 -7.94 -11.15
CA ASP B 80 -13.23 -8.16 -11.53
C ASP B 80 -13.29 -9.44 -12.35
N GLU B 81 -12.63 -9.51 -13.50
CA GLU B 81 -12.63 -10.73 -14.33
C GLU B 81 -11.71 -11.80 -13.73
N LYS B 82 -10.58 -11.35 -13.18
CA LYS B 82 -9.55 -12.21 -12.62
C LYS B 82 -10.00 -12.92 -11.34
N THR B 83 -10.51 -12.16 -10.38
CA THR B 83 -10.83 -12.70 -9.06
C THR B 83 -12.33 -12.95 -8.92
N LYS B 84 -13.09 -12.48 -9.92
CA LYS B 84 -14.56 -12.50 -9.94
C LYS B 84 -15.25 -11.74 -8.81
N ASP B 85 -14.53 -10.81 -8.16
CA ASP B 85 -15.16 -10.00 -7.10
C ASP B 85 -16.07 -8.90 -7.65
N LEU B 86 -17.20 -8.75 -6.97
CA LEU B 86 -18.15 -7.71 -7.27
C LEU B 86 -17.71 -6.32 -6.80
N ILE B 87 -17.38 -5.45 -7.75
CA ILE B 87 -16.91 -4.10 -7.47
C ILE B 87 -18.10 -3.10 -7.31
N VAL B 88 -19.11 -3.21 -8.18
CA VAL B 88 -20.25 -2.30 -8.18
C VAL B 88 -21.48 -3.14 -8.46
N ASP B 89 -22.52 -2.98 -7.64
CA ASP B 89 -23.79 -3.64 -7.92
C ASP B 89 -25.00 -2.73 -7.88
N GLN B 90 -25.33 -2.11 -9.02
CA GLN B 90 -26.38 -1.11 -9.02
C GLN B 90 -27.69 -1.61 -9.58
N THR B 91 -28.75 -1.53 -8.79
CA THR B 91 -30.06 -2.01 -9.24
C THR B 91 -30.57 -0.96 -10.21
N ILE B 92 -31.17 -1.38 -11.32
CA ILE B 92 -31.56 -0.48 -12.42
C ILE B 92 -32.69 0.51 -12.12
N GLU B 93 -33.50 0.22 -11.13
CA GLU B 93 -34.68 1.00 -10.79
C GLU B 93 -34.36 2.25 -10.03
N LYS B 94 -33.18 2.31 -9.46
CA LYS B 94 -32.73 3.50 -8.79
C LYS B 94 -31.71 4.25 -9.63
N VAL B 95 -31.66 3.95 -10.93
CA VAL B 95 -30.84 4.78 -11.79
C VAL B 95 -31.61 5.93 -12.45
N SER B 96 -31.16 7.16 -12.19
CA SER B 96 -31.81 8.38 -12.67
C SER B 96 -31.43 8.70 -14.14
N PHE B 97 -30.16 8.67 -14.47
CA PHE B 97 -29.67 9.20 -15.75
C PHE B 97 -28.34 8.49 -16.13
N CYS B 98 -28.00 8.42 -17.41
CA CYS B 98 -26.66 7.92 -17.77
C CYS B 98 -26.20 8.64 -19.02
N ALA B 99 -24.92 8.60 -19.35
CA ALA B 99 -24.41 9.38 -20.48
C ALA B 99 -22.96 9.13 -20.82
N PRO B 100 -22.59 9.34 -22.10
CA PRO B 100 -21.18 9.36 -22.44
C PRO B 100 -20.60 10.75 -22.15
N ASP B 101 -19.40 11.00 -22.65
CA ASP B 101 -18.73 12.22 -22.27
C ASP B 101 -18.25 12.91 -23.51
N ARG B 102 -18.71 14.15 -23.64
CA ARG B 102 -18.36 15.00 -24.77
C ARG B 102 -16.84 15.15 -25.01
N ASN B 103 -16.04 15.23 -23.95
CA ASN B 103 -14.61 15.52 -24.11
C ASN B 103 -13.67 14.36 -23.78
N PHE B 104 -14.20 13.33 -23.13
CA PHE B 104 -13.47 12.08 -22.91
C PHE B 104 -14.27 10.95 -23.62
N ASP B 105 -13.93 10.61 -24.85
CA ASP B 105 -14.79 9.68 -25.60
C ASP B 105 -14.99 8.27 -25.03
N ARG B 106 -14.01 7.75 -24.28
CA ARG B 106 -14.18 6.43 -23.65
C ARG B 106 -14.85 6.53 -22.30
N ALA B 107 -15.12 7.75 -21.86
CA ALA B 107 -15.69 7.96 -20.53
C ALA B 107 -17.18 7.70 -20.60
N PHE B 108 -17.67 7.04 -19.57
CA PHE B 108 -19.10 6.79 -19.38
C PHE B 108 -19.54 6.91 -17.94
N SER B 109 -20.72 7.47 -17.69
CA SER B 109 -21.15 7.57 -16.30
C SER B 109 -22.65 7.45 -16.08
N TYR B 110 -23.05 7.20 -14.82
CA TYR B 110 -24.49 7.17 -14.54
C TYR B 110 -24.78 7.74 -13.15
N ILE B 111 -25.92 8.43 -13.02
CA ILE B 111 -26.34 9.01 -11.74
C ILE B 111 -27.31 8.03 -11.06
N CYS B 112 -27.41 8.03 -9.73
CA CYS B 112 -28.36 7.18 -9.02
C CYS B 112 -28.76 7.73 -7.64
N ARG B 113 -29.95 7.34 -7.20
CA ARG B 113 -30.41 7.72 -5.88
C ARG B 113 -29.92 6.67 -4.92
N ASP B 114 -29.39 7.16 -3.81
CA ASP B 114 -29.03 6.30 -2.70
C ASP B 114 -30.02 6.66 -1.60
N GLY B 115 -30.92 5.71 -1.37
CA GLY B 115 -32.06 5.79 -0.47
C GLY B 115 -31.72 5.72 1.00
N THR B 116 -30.52 5.24 1.32
CA THR B 116 -30.10 5.21 2.72
C THR B 116 -29.72 6.66 2.96
N THR B 117 -28.95 7.24 2.04
CA THR B 117 -28.64 8.65 2.12
C THR B 117 -29.90 9.32 1.47
N ARG B 118 -29.75 10.56 1.06
CA ARG B 118 -30.82 11.30 0.41
C ARG B 118 -30.06 12.07 -0.65
N ARG B 119 -29.37 11.34 -1.53
CA ARG B 119 -28.56 12.01 -2.53
C ARG B 119 -28.32 11.26 -3.82
N TRP B 120 -27.99 12.10 -4.81
CA TRP B 120 -27.60 11.69 -6.14
C TRP B 120 -26.12 11.41 -6.20
N ILE B 121 -25.79 10.26 -6.77
CA ILE B 121 -24.45 9.73 -6.81
C ILE B 121 -24.03 9.37 -8.22
N CYS B 122 -22.98 10.02 -8.74
CA CYS B 122 -22.47 9.70 -10.08
C CYS B 122 -21.51 8.52 -10.00
N HIS B 123 -21.37 7.75 -11.07
CA HIS B 123 -20.49 6.58 -11.13
C HIS B 123 -19.75 6.50 -12.43
N CYS B 124 -18.48 6.89 -12.41
CA CYS B 124 -17.72 6.98 -13.64
C CYS B 124 -16.93 5.72 -14.00
N PHE B 125 -16.79 5.54 -15.31
CA PHE B 125 -16.05 4.47 -15.93
C PHE B 125 -15.24 4.98 -17.11
N MET B 126 -14.19 4.24 -17.42
CA MET B 126 -13.51 4.42 -18.68
C MET B 126 -13.54 3.10 -19.45
N ALA B 127 -14.22 3.12 -20.59
CA ALA B 127 -14.34 1.92 -21.42
C ALA B 127 -12.97 1.60 -22.02
N VAL B 128 -12.67 0.32 -22.15
CA VAL B 128 -11.35 -0.04 -22.63
C VAL B 128 -11.31 -0.24 -24.14
N LYS B 129 -12.26 -1.01 -24.62
CA LYS B 129 -12.35 -1.39 -26.00
C LYS B 129 -13.44 -0.67 -26.77
N ASP B 130 -14.32 0.02 -26.05
CA ASP B 130 -15.47 0.65 -26.69
C ASP B 130 -15.58 2.15 -26.46
N THR B 131 -16.51 2.76 -27.16
CA THR B 131 -16.82 4.15 -26.96
C THR B 131 -17.86 4.32 -25.84
N GLY B 132 -17.80 5.45 -25.14
CA GLY B 132 -18.76 5.77 -24.11
C GLY B 132 -20.20 5.66 -24.61
N GLU B 133 -20.42 6.10 -25.85
CA GLU B 133 -21.77 6.10 -26.38
C GLU B 133 -22.28 4.70 -26.64
N ARG B 134 -21.39 3.77 -27.02
CA ARG B 134 -21.88 2.43 -27.16
C ARG B 134 -22.47 1.91 -25.85
N LEU B 135 -21.75 2.19 -24.76
CA LEU B 135 -22.22 1.74 -23.45
C LEU B 135 -23.50 2.41 -23.03
N SER B 136 -23.51 3.72 -23.13
CA SER B 136 -24.64 4.49 -22.74
C SER B 136 -25.88 3.97 -23.50
N HIS B 137 -25.74 3.67 -24.80
CA HIS B 137 -26.81 3.02 -25.55
C HIS B 137 -27.25 1.68 -24.90
N ALA B 138 -26.28 0.86 -24.50
CA ALA B 138 -26.59 -0.44 -23.88
C ALA B 138 -27.42 -0.29 -22.61
N VAL B 139 -27.01 0.67 -21.79
CA VAL B 139 -27.68 0.92 -20.54
C VAL B 139 -29.04 1.55 -20.78
N GLY B 140 -29.18 2.30 -21.88
CA GLY B 140 -30.48 2.81 -22.28
C GLY B 140 -31.42 1.70 -22.65
N CYS B 141 -30.91 0.67 -23.31
CA CYS B 141 -31.72 -0.51 -23.61
C CYS B 141 -32.16 -1.19 -22.34
N ALA B 142 -31.28 -1.20 -21.36
CA ALA B 142 -31.65 -1.71 -20.05
C ALA B 142 -32.83 -0.90 -19.45
N PHE B 143 -32.67 0.43 -19.36
CA PHE B 143 -33.71 1.33 -18.86
C PHE B 143 -35.02 1.03 -19.54
N ALA B 144 -34.93 0.84 -20.86
CA ALA B 144 -36.09 0.55 -21.68
C ALA B 144 -36.76 -0.79 -21.37
N ALA B 145 -36.03 -1.88 -21.36
CA ALA B 145 -36.64 -3.17 -21.09
C ALA B 145 -37.34 -3.09 -19.73
N CYS B 146 -36.68 -2.43 -18.79
CA CYS B 146 -37.22 -2.19 -17.44
C CYS B 146 -38.54 -1.43 -17.39
N LEU B 147 -38.52 -0.21 -17.89
CA LEU B 147 -39.68 0.69 -18.02
C LEU B 147 -40.88 0.05 -18.70
N GLU B 148 -40.58 -0.80 -19.67
CA GLU B 148 -41.61 -1.46 -20.47
C GLU B 148 -42.48 -2.50 -19.76
N ARG B 149 -41.99 -3.01 -18.63
CA ARG B 149 -42.75 -3.95 -17.79
C ARG B 149 -43.46 -5.05 -18.59
N LYS B 150 -42.79 -5.66 -19.58
CA LYS B 150 -43.36 -6.83 -20.31
C LYS B 150 -43.45 -8.16 -19.57
N GLN B 151 -44.69 -8.55 -19.27
CA GLN B 151 -45.02 -9.81 -18.61
C GLN B 151 -44.86 -11.01 -19.54
N TRP C 6 33.05 1.55 -11.41
CA TRP C 6 33.38 1.03 -12.75
C TRP C 6 32.88 -0.40 -12.91
N GLN C 7 33.35 -1.25 -12.01
CA GLN C 7 32.94 -2.64 -11.90
C GLN C 7 31.43 -2.76 -11.71
N THR C 8 30.86 -1.82 -10.96
CA THR C 8 29.44 -1.85 -10.71
C THR C 8 28.70 -1.53 -12.01
N ASP C 9 29.32 -0.76 -12.92
CA ASP C 9 28.62 -0.35 -14.14
C ASP C 9 28.26 -1.60 -14.94
N GLU C 10 29.15 -2.59 -14.99
CA GLU C 10 28.89 -3.77 -15.82
C GLU C 10 27.61 -4.47 -15.34
N GLU C 11 27.49 -4.57 -14.02
CA GLU C 11 26.33 -5.23 -13.42
C GLU C 11 25.11 -4.34 -13.57
N GLY C 12 25.32 -3.03 -13.65
CA GLY C 12 24.23 -2.08 -13.82
C GLY C 12 23.62 -2.14 -15.21
N VAL C 13 24.49 -2.21 -16.21
CA VAL C 13 24.12 -2.34 -17.61
C VAL C 13 23.32 -3.64 -17.79
N ARG C 14 23.79 -4.70 -17.13
CA ARG C 14 23.07 -5.98 -17.17
C ARG C 14 21.67 -5.95 -16.52
N THR C 15 21.53 -5.18 -15.44
CA THR C 15 20.27 -5.03 -14.72
C THR C 15 19.41 -3.82 -15.15
N GLY C 16 19.81 -3.12 -16.22
CA GLY C 16 19.03 -2.01 -16.75
C GLY C 16 18.90 -0.84 -15.76
N LYS C 17 19.89 -0.70 -14.88
CA LYS C 17 19.87 0.35 -13.84
C LYS C 17 20.94 1.40 -14.13
N CYS C 18 21.74 1.19 -15.18
CA CYS C 18 22.88 2.07 -15.41
C CYS C 18 22.46 3.37 -16.09
N SER C 19 22.75 4.51 -15.46
CA SER C 19 22.37 5.81 -16.02
C SER C 19 23.51 6.84 -15.92
N PHE C 20 23.49 7.82 -16.82
CA PHE C 20 24.48 8.91 -16.78
C PHE C 20 23.93 10.29 -17.07
N PRO C 21 24.27 11.28 -16.21
CA PRO C 21 23.91 12.65 -16.57
C PRO C 21 24.76 13.15 -17.75
N VAL C 22 24.10 13.63 -18.80
CA VAL C 22 24.76 14.01 -20.05
C VAL C 22 24.16 15.29 -20.64
N LYS C 23 24.84 15.81 -21.65
CA LYS C 23 24.27 16.82 -22.54
C LYS C 23 24.26 16.25 -23.95
N TYR C 24 23.06 16.06 -24.50
CA TYR C 24 22.95 15.48 -25.83
C TYR C 24 23.21 16.50 -26.91
N LEU C 25 24.31 16.29 -27.64
CA LEU C 25 24.72 17.24 -28.69
C LEU C 25 23.96 17.11 -30.02
N GLY C 26 23.58 15.89 -30.42
CA GLY C 26 22.85 15.69 -31.68
C GLY C 26 23.41 14.64 -32.63
N HIS C 27 22.74 14.43 -33.77
CA HIS C 27 23.19 13.46 -34.77
C HIS C 27 23.91 14.08 -35.99
N VAL C 28 24.77 13.29 -36.65
CA VAL C 28 25.52 13.74 -37.82
C VAL C 28 25.77 12.62 -38.83
N GLU C 29 25.71 12.96 -40.11
CA GLU C 29 26.13 12.07 -41.18
C GLU C 29 27.59 11.74 -41.09
N VAL C 30 27.93 10.47 -41.21
CA VAL C 30 29.33 10.04 -41.27
C VAL C 30 29.46 8.98 -42.35
N ASP C 31 30.56 8.97 -43.08
CA ASP C 31 30.69 8.04 -44.20
C ASP C 31 31.14 6.58 -43.88
N GLU C 32 31.31 6.23 -42.61
CA GLU C 32 31.78 4.88 -42.22
C GLU C 32 31.12 4.35 -40.93
N SER C 33 31.06 3.02 -40.78
CA SER C 33 30.49 2.41 -39.57
C SER C 33 31.37 2.46 -38.32
N ARG C 34 32.67 2.65 -38.47
CA ARG C 34 33.55 2.71 -37.29
C ARG C 34 34.63 3.72 -37.61
N GLY C 35 35.40 4.09 -36.60
CA GLY C 35 36.48 5.04 -36.78
C GLY C 35 36.47 5.95 -35.57
N MET C 36 37.60 5.94 -34.87
CA MET C 36 37.82 6.73 -33.67
C MET C 36 37.89 8.24 -34.03
N HIS C 37 38.47 8.48 -35.21
CA HIS C 37 38.57 9.81 -35.76
C HIS C 37 37.32 10.29 -36.50
N ILE C 38 36.56 9.38 -37.11
CA ILE C 38 35.29 9.77 -37.74
C ILE C 38 34.37 10.40 -36.70
N CYS C 39 34.37 9.76 -35.52
CA CYS C 39 33.63 10.24 -34.37
C CYS C 39 34.22 11.59 -33.93
N GLU C 40 35.51 11.65 -33.56
CA GLU C 40 36.08 12.96 -33.20
C GLU C 40 35.62 14.11 -34.10
N ASP C 41 35.69 13.89 -35.41
CA ASP C 41 35.20 14.86 -36.36
C ASP C 41 33.74 15.19 -36.10
N ALA C 42 32.84 14.20 -36.08
CA ALA C 42 31.41 14.50 -35.85
C ALA C 42 31.20 15.33 -34.57
N VAL C 43 32.06 15.12 -33.58
CA VAL C 43 31.96 15.92 -32.36
C VAL C 43 32.33 17.38 -32.68
N LYS C 44 33.43 17.60 -33.41
CA LYS C 44 33.78 19.00 -33.70
C LYS C 44 32.77 19.65 -34.66
N ARG C 45 32.12 18.86 -35.52
CA ARG C 45 31.05 19.36 -36.39
C ARG C 45 29.89 19.88 -35.54
N LEU C 46 29.37 19.08 -34.61
CA LEU C 46 28.22 19.53 -33.80
C LEU C 46 28.61 20.72 -32.89
N LYS C 47 29.83 20.70 -32.37
CA LYS C 47 30.32 21.75 -31.48
C LYS C 47 30.44 23.12 -32.19
N ALA C 48 30.55 23.08 -33.52
CA ALA C 48 30.58 24.26 -34.39
C ALA C 48 29.19 24.65 -34.94
N GLU C 49 28.14 23.97 -34.48
CA GLU C 49 26.79 24.12 -35.02
C GLU C 49 26.04 24.89 -33.94
N ARG C 50 25.97 24.33 -32.73
CA ARG C 50 25.24 24.96 -31.63
C ARG C 50 25.76 26.39 -31.51
N LYS C 51 27.04 26.57 -31.83
CA LYS C 51 27.69 27.88 -32.00
C LYS C 51 26.91 28.77 -32.99
N PHE C 52 26.73 28.28 -34.22
CA PHE C 52 25.82 28.94 -35.16
C PHE C 52 24.42 29.04 -34.54
N VAL C 65 20.96 19.99 -24.94
CA VAL C 65 19.89 19.66 -24.00
C VAL C 65 20.36 18.77 -22.84
N LYS C 66 20.15 19.23 -21.61
CA LYS C 66 20.43 18.42 -20.41
C LYS C 66 19.53 17.18 -20.31
N ALA C 67 20.14 16.00 -20.22
CA ALA C 67 19.36 14.78 -20.15
C ALA C 67 20.10 13.64 -19.46
N VAL C 68 19.44 12.50 -19.29
CA VAL C 68 20.08 11.30 -18.79
C VAL C 68 20.06 10.12 -19.76
N LEU C 69 21.26 9.60 -20.04
CA LEU C 69 21.45 8.46 -20.91
C LEU C 69 21.46 7.16 -20.12
N TRP C 70 20.54 6.26 -20.46
CA TRP C 70 20.39 4.97 -19.82
C TRP C 70 20.95 3.90 -20.72
N VAL C 71 21.66 2.95 -20.11
CA VAL C 71 22.33 1.92 -20.88
C VAL C 71 21.93 0.56 -20.40
N SER C 72 21.22 -0.13 -21.25
CA SER C 72 20.83 -1.50 -20.98
C SER C 72 21.29 -2.39 -22.14
N ALA C 73 21.12 -3.69 -21.94
CA ALA C 73 21.44 -4.72 -22.93
C ALA C 73 20.50 -4.66 -24.12
N ASP C 74 19.39 -3.92 -23.94
CA ASP C 74 18.37 -3.77 -24.96
C ASP C 74 18.48 -2.51 -25.82
N GLY C 75 19.05 -1.45 -25.28
CA GLY C 75 19.13 -0.23 -26.05
C GLY C 75 19.74 0.90 -25.26
N LEU C 76 19.91 2.01 -25.93
CA LEU C 76 20.44 3.19 -25.29
C LEU C 76 19.26 4.12 -25.29
N ARG C 77 19.02 4.81 -24.19
CA ARG C 77 17.89 5.73 -24.16
C ARG C 77 18.33 7.08 -23.64
N VAL C 78 17.83 8.14 -24.22
CA VAL C 78 18.17 9.44 -23.69
C VAL C 78 16.84 10.07 -23.27
N VAL C 79 16.73 10.37 -21.98
CA VAL C 79 15.52 10.98 -21.45
C VAL C 79 15.80 12.41 -20.97
N ASP C 80 15.01 13.38 -21.41
CA ASP C 80 15.21 14.79 -21.04
C ASP C 80 15.03 14.91 -19.51
N GLU C 81 15.90 15.65 -18.82
CA GLU C 81 15.72 15.78 -17.37
C GLU C 81 14.56 16.68 -17.00
N LYS C 82 14.39 17.76 -17.77
CA LYS C 82 13.34 18.74 -17.52
C LYS C 82 11.97 18.10 -17.80
N THR C 83 11.77 17.50 -18.98
CA THR C 83 10.45 17.00 -19.38
C THR C 83 10.26 15.48 -19.21
N LYS C 84 11.35 14.77 -18.93
CA LYS C 84 11.36 13.30 -18.85
C LYS C 84 10.90 12.58 -20.14
N ASP C 85 10.94 13.29 -21.26
CA ASP C 85 10.61 12.72 -22.56
C ASP C 85 11.73 11.84 -23.17
N LEU C 86 11.35 10.72 -23.78
CA LEU C 86 12.32 9.87 -24.49
C LEU C 86 12.68 10.60 -25.79
N ILE C 87 13.91 11.08 -25.84
CA ILE C 87 14.43 11.85 -26.96
C ILE C 87 14.94 10.88 -28.01
N VAL C 88 15.60 9.84 -27.53
CA VAL C 88 16.23 8.82 -28.35
C VAL C 88 15.94 7.48 -27.69
N ASP C 89 15.46 6.56 -28.50
CA ASP C 89 15.25 5.18 -28.12
C ASP C 89 15.91 4.34 -29.21
N GLN C 90 17.21 4.08 -29.01
CA GLN C 90 18.04 3.44 -30.00
C GLN C 90 18.26 1.98 -29.72
N THR C 91 17.90 1.12 -30.66
CA THR C 91 18.02 -0.31 -30.43
C THR C 91 19.50 -0.70 -30.51
N ILE C 92 19.95 -1.57 -29.60
CA ILE C 92 21.38 -1.89 -29.50
C ILE C 92 21.96 -2.69 -30.68
N GLU C 93 21.08 -3.39 -31.40
CA GLU C 93 21.44 -4.28 -32.51
C GLU C 93 21.75 -3.58 -33.81
N LYS C 94 21.32 -2.34 -33.94
CA LYS C 94 21.66 -1.57 -35.11
C LYS C 94 22.74 -0.53 -34.77
N VAL C 95 23.41 -0.72 -33.62
CA VAL C 95 24.60 0.09 -33.29
C VAL C 95 25.92 -0.55 -33.71
N SER C 96 26.65 0.14 -34.56
CA SER C 96 27.91 -0.33 -35.14
C SER C 96 29.10 -0.15 -34.19
N PHE C 97 29.24 1.05 -33.64
CA PHE C 97 30.48 1.42 -32.97
C PHE C 97 30.23 2.50 -31.90
N CYS C 98 31.09 2.59 -30.89
CA CYS C 98 31.05 3.71 -29.94
C CYS C 98 32.47 4.05 -29.47
N ALA C 99 32.65 5.24 -28.88
CA ALA C 99 34.01 5.67 -28.51
C ALA C 99 34.04 6.97 -27.73
N PRO C 100 35.07 7.16 -26.88
CA PRO C 100 35.35 8.45 -26.26
C PRO C 100 36.14 9.31 -27.22
N ASP C 101 36.70 10.43 -26.74
CA ASP C 101 37.33 11.40 -27.62
C ASP C 101 38.73 11.80 -27.17
N ARG C 102 39.71 11.64 -28.06
CA ARG C 102 41.10 12.01 -27.77
C ARG C 102 41.29 13.46 -27.27
N ASN C 103 40.52 14.42 -27.80
CA ASN C 103 40.74 15.84 -27.48
C ASN C 103 39.64 16.45 -26.65
N PHE C 104 38.51 15.77 -26.55
CA PHE C 104 37.47 16.22 -25.64
C PHE C 104 37.15 15.16 -24.59
N ASP C 105 37.78 15.29 -23.43
CA ASP C 105 37.71 14.27 -22.39
C ASP C 105 36.32 14.00 -21.82
N ARG C 106 35.42 14.96 -21.83
CA ARG C 106 34.08 14.69 -21.34
C ARG C 106 33.15 14.14 -22.44
N ALA C 107 33.66 14.08 -23.67
CA ALA C 107 32.92 13.67 -24.89
C ALA C 107 32.77 12.15 -25.12
N PHE C 108 31.58 11.74 -25.55
CA PHE C 108 31.30 10.34 -25.95
C PHE C 108 30.37 10.22 -27.14
N SER C 109 30.61 9.29 -28.06
CA SER C 109 29.68 9.18 -29.20
C SER C 109 29.46 7.76 -29.69
N TYR C 110 28.41 7.55 -30.48
CA TYR C 110 28.26 6.22 -31.06
C TYR C 110 27.67 6.32 -32.47
N ILE C 111 28.10 5.42 -33.36
CA ILE C 111 27.60 5.38 -34.72
C ILE C 111 26.48 4.32 -34.81
N CYS C 112 25.54 4.47 -35.74
CA CYS C 112 24.51 3.44 -35.92
C CYS C 112 23.96 3.48 -37.32
N ARG C 113 23.48 2.33 -37.79
CA ARG C 113 22.83 2.23 -39.09
C ARG C 113 21.37 2.51 -38.95
N ASP C 114 20.92 3.36 -39.87
CA ASP C 114 19.51 3.59 -39.99
C ASP C 114 19.18 3.04 -41.37
N GLY C 115 18.46 1.91 -41.38
CA GLY C 115 18.17 1.21 -42.61
C GLY C 115 17.09 1.85 -43.49
N THR C 116 16.26 2.70 -42.89
CA THR C 116 15.24 3.42 -43.67
C THR C 116 15.90 4.59 -44.39
N THR C 117 16.72 5.34 -43.66
CA THR C 117 17.46 6.47 -44.26
C THR C 117 18.66 5.90 -45.00
N ARG C 118 18.97 4.62 -44.75
CA ARG C 118 20.09 3.95 -45.42
C ARG C 118 21.38 4.74 -45.22
N ARG C 119 21.75 4.99 -43.95
CA ARG C 119 22.95 5.78 -43.64
C ARG C 119 23.57 5.54 -42.26
N TRP C 120 24.85 5.89 -42.17
CA TRP C 120 25.56 5.87 -40.90
C TRP C 120 25.40 7.19 -40.17
N ILE C 121 25.01 7.09 -38.91
CA ILE C 121 24.67 8.27 -38.14
C ILE C 121 25.41 8.31 -36.80
N CYS C 122 26.23 9.35 -36.59
CA CYS C 122 26.94 9.51 -35.33
C CYS C 122 25.99 10.20 -34.36
N HIS C 123 26.17 9.98 -33.08
CA HIS C 123 25.34 10.56 -32.02
C HIS C 123 26.22 11.01 -30.87
N CYS C 124 26.48 12.31 -30.76
CA CYS C 124 27.42 12.79 -29.74
C CYS C 124 26.78 13.24 -28.42
N PHE C 125 27.57 13.10 -27.36
CA PHE C 125 27.18 13.51 -26.01
C PHE C 125 28.37 14.21 -25.35
N MET C 126 28.07 15.07 -24.38
CA MET C 126 29.09 15.57 -23.47
C MET C 126 28.71 15.22 -22.05
N ALA C 127 29.49 14.36 -21.41
CA ALA C 127 29.22 13.98 -20.03
C ALA C 127 29.45 15.18 -19.11
N VAL C 128 28.62 15.31 -18.08
CA VAL C 128 28.74 16.45 -17.20
C VAL C 128 29.64 16.12 -16.00
N LYS C 129 29.40 14.99 -15.35
CA LYS C 129 30.15 14.61 -14.15
C LYS C 129 31.16 13.49 -14.39
N ASP C 130 31.09 12.83 -15.54
CA ASP C 130 31.93 11.66 -15.73
C ASP C 130 32.86 11.81 -16.94
N THR C 131 33.78 10.86 -17.06
CA THR C 131 34.66 10.78 -18.22
C THR C 131 34.06 10.00 -19.41
N GLY C 132 34.46 10.37 -20.62
CA GLY C 132 34.05 9.68 -21.84
C GLY C 132 34.28 8.19 -21.86
N GLU C 133 35.41 7.77 -21.30
CA GLU C 133 35.76 6.37 -21.34
C GLU C 133 34.86 5.55 -20.43
N ARG C 134 34.39 6.11 -19.33
CA ARG C 134 33.41 5.42 -18.47
C ARG C 134 32.13 5.06 -19.23
N LEU C 135 31.63 6.02 -20.02
CA LEU C 135 30.43 5.79 -20.81
C LEU C 135 30.71 4.76 -21.89
N SER C 136 31.81 4.97 -22.61
CA SER C 136 32.17 4.03 -23.66
C SER C 136 32.29 2.59 -23.14
N HIS C 137 32.94 2.42 -21.99
CA HIS C 137 33.00 1.13 -21.32
C HIS C 137 31.62 0.56 -21.01
N ALA C 138 30.72 1.38 -20.47
CA ALA C 138 29.37 0.91 -20.13
C ALA C 138 28.63 0.40 -21.39
N VAL C 139 28.76 1.16 -22.48
CA VAL C 139 28.10 0.79 -23.71
C VAL C 139 28.78 -0.43 -24.35
N GLY C 140 30.08 -0.59 -24.12
CA GLY C 140 30.79 -1.79 -24.52
C GLY C 140 30.25 -2.99 -23.76
N CYS C 141 29.92 -2.80 -22.49
CA CYS C 141 29.29 -3.84 -21.69
C CYS C 141 27.92 -4.20 -22.23
N ALA C 142 27.19 -3.18 -22.71
CA ALA C 142 25.90 -3.37 -23.42
C ALA C 142 26.05 -4.21 -24.67
N PHE C 143 26.96 -3.80 -25.56
CA PHE C 143 27.30 -4.52 -26.77
C PHE C 143 27.58 -5.96 -26.45
N ALA C 144 28.33 -6.13 -25.38
CA ALA C 144 28.73 -7.43 -24.90
C ALA C 144 27.60 -8.31 -24.46
N ALA C 145 26.78 -7.79 -23.56
CA ALA C 145 25.66 -8.53 -23.02
C ALA C 145 24.81 -8.97 -24.21
N CYS C 146 24.66 -8.06 -25.17
CA CYS C 146 23.91 -8.33 -26.41
C CYS C 146 24.46 -9.50 -27.24
N LEU C 147 25.70 -9.38 -27.68
CA LEU C 147 26.46 -10.41 -28.43
C LEU C 147 26.51 -11.80 -27.77
N GLU C 148 26.57 -11.80 -26.46
CA GLU C 148 26.72 -13.02 -25.69
C GLU C 148 25.56 -14.03 -25.66
N ARG C 149 24.32 -13.57 -25.64
CA ARG C 149 23.19 -14.51 -25.64
C ARG C 149 22.80 -15.12 -27.02
N LYS C 150 22.95 -14.39 -28.12
CA LYS C 150 22.69 -14.96 -29.48
C LYS C 150 23.70 -16.07 -29.88
N THR D 8 -22.04 49.76 3.28
CA THR D 8 -20.87 50.39 3.91
C THR D 8 -19.55 49.81 3.37
N ASP D 9 -19.59 48.54 2.96
CA ASP D 9 -18.38 47.74 2.65
C ASP D 9 -17.44 48.40 1.63
N GLU D 10 -18.01 49.04 0.62
CA GLU D 10 -17.22 49.69 -0.42
C GLU D 10 -16.22 50.69 0.14
N GLU D 11 -16.70 51.53 1.06
CA GLU D 11 -15.84 52.51 1.72
C GLU D 11 -14.69 51.80 2.42
N GLY D 12 -15.02 50.66 3.04
CA GLY D 12 -14.04 49.84 3.74
C GLY D 12 -12.95 49.24 2.84
N VAL D 13 -13.34 48.78 1.66
CA VAL D 13 -12.39 48.29 0.65
C VAL D 13 -11.45 49.41 0.16
N ARG D 14 -12.03 50.56 -0.16
CA ARG D 14 -11.25 51.71 -0.62
C ARG D 14 -10.26 52.18 0.44
N THR D 15 -10.66 52.05 1.70
CA THR D 15 -9.84 52.55 2.82
C THR D 15 -9.16 51.46 3.68
N GLY D 16 -9.13 50.22 3.19
CA GLY D 16 -8.42 49.13 3.86
C GLY D 16 -8.96 48.63 5.19
N LYS D 17 -10.19 49.00 5.53
CA LYS D 17 -10.81 48.57 6.79
C LYS D 17 -11.67 47.32 6.61
N CYS D 18 -11.68 46.77 5.40
CA CYS D 18 -12.48 45.59 5.08
C CYS D 18 -11.83 44.28 5.55
N SER D 19 -12.55 43.53 6.39
CA SER D 19 -12.08 42.23 6.87
C SER D 19 -13.20 41.25 7.25
N PHE D 20 -13.00 39.99 6.88
CA PHE D 20 -13.94 38.92 7.19
C PHE D 20 -13.21 37.77 7.82
N PRO D 21 -13.85 37.11 8.79
CA PRO D 21 -13.30 35.93 9.45
C PRO D 21 -13.56 34.69 8.61
N VAL D 22 -12.55 33.86 8.43
CA VAL D 22 -12.68 32.70 7.55
C VAL D 22 -11.96 31.44 8.01
N LYS D 23 -12.34 30.33 7.37
CA LYS D 23 -11.54 29.12 7.32
C LYS D 23 -10.89 29.04 5.94
N TYR D 24 -9.57 29.11 5.87
CA TYR D 24 -8.89 29.01 4.58
C TYR D 24 -8.68 27.56 4.16
N LEU D 25 -9.47 27.11 3.18
CA LEU D 25 -9.43 25.73 2.70
C LEU D 25 -8.18 25.36 1.89
N GLY D 26 -7.45 26.33 1.39
CA GLY D 26 -6.24 26.03 0.65
C GLY D 26 -6.42 26.36 -0.80
N HIS D 27 -5.56 25.86 -1.67
CA HIS D 27 -5.68 26.21 -3.07
C HIS D 27 -5.59 24.99 -3.99
N VAL D 28 -5.98 25.17 -5.25
CA VAL D 28 -5.93 24.12 -6.29
C VAL D 28 -5.58 24.72 -7.64
N GLU D 29 -4.95 23.93 -8.49
CA GLU D 29 -4.74 24.32 -9.87
C GLU D 29 -5.97 23.96 -10.67
N VAL D 30 -6.53 24.95 -11.35
CA VAL D 30 -7.69 24.76 -12.20
C VAL D 30 -7.27 25.10 -13.62
N ASP D 31 -8.14 24.85 -14.59
CA ASP D 31 -7.73 24.92 -15.99
C ASP D 31 -8.34 26.06 -16.76
N GLU D 32 -9.12 26.91 -16.09
CA GLU D 32 -9.65 28.11 -16.73
C GLU D 32 -9.66 29.27 -15.77
N SER D 33 -9.51 30.49 -16.30
CA SER D 33 -9.31 31.64 -15.43
C SER D 33 -10.59 32.13 -14.81
N ARG D 34 -11.72 31.51 -15.17
CA ARG D 34 -13.04 31.93 -14.68
C ARG D 34 -14.12 30.87 -14.88
N GLY D 35 -15.19 30.97 -14.10
CA GLY D 35 -16.28 30.03 -14.22
C GLY D 35 -16.85 29.67 -12.87
N MET D 36 -18.17 29.56 -12.80
CA MET D 36 -18.84 29.20 -11.57
C MET D 36 -18.44 27.79 -11.19
N HIS D 37 -18.54 26.87 -12.14
CA HIS D 37 -18.24 25.45 -11.87
C HIS D 37 -16.76 25.16 -11.63
N ILE D 38 -15.87 26.01 -12.13
CA ILE D 38 -14.44 25.85 -11.86
C ILE D 38 -14.18 26.02 -10.39
N CYS D 39 -14.72 27.11 -9.84
CA CYS D 39 -14.64 27.40 -8.41
C CYS D 39 -15.37 26.35 -7.60
N GLU D 40 -16.63 26.07 -7.96
CA GLU D 40 -17.42 25.06 -7.24
C GLU D 40 -16.67 23.72 -7.15
N ASP D 41 -16.15 23.26 -8.27
CA ASP D 41 -15.33 22.07 -8.33
C ASP D 41 -14.09 22.16 -7.44
N ALA D 42 -13.47 23.34 -7.37
CA ALA D 42 -12.26 23.50 -6.56
C ALA D 42 -12.58 23.34 -5.09
N VAL D 43 -13.68 23.97 -4.69
CA VAL D 43 -14.13 23.87 -3.33
C VAL D 43 -14.48 22.43 -2.98
N LYS D 44 -15.19 21.73 -3.84
CA LYS D 44 -15.46 20.33 -3.54
C LYS D 44 -14.18 19.48 -3.43
N ARG D 45 -13.22 19.64 -4.34
CA ARG D 45 -11.93 18.94 -4.23
C ARG D 45 -11.23 19.22 -2.89
N LEU D 46 -11.00 20.50 -2.58
CA LEU D 46 -10.37 20.83 -1.31
C LEU D 46 -11.13 20.22 -0.13
N LYS D 47 -12.46 20.40 -0.07
CA LYS D 47 -13.27 19.85 1.00
C LYS D 47 -13.08 18.33 1.18
N ALA D 48 -12.98 17.62 0.06
CA ALA D 48 -12.71 16.19 0.08
C ALA D 48 -11.32 15.83 0.62
N GLU D 49 -10.29 16.56 0.19
CA GLU D 49 -8.96 16.29 0.69
C GLU D 49 -8.87 16.57 2.19
N ARG D 50 -9.29 17.74 2.62
CA ARG D 50 -9.29 18.10 4.04
C ARG D 50 -10.01 17.00 4.84
N LYS D 51 -11.12 16.51 4.28
CA LYS D 51 -11.89 15.44 4.94
C LYS D 51 -11.04 14.17 5.06
N PHE D 52 -10.38 13.81 3.96
CA PHE D 52 -9.51 12.65 3.93
C PHE D 52 -8.49 12.75 5.04
N PHE D 53 -7.82 13.89 5.14
CA PHE D 53 -6.77 14.07 6.13
C PHE D 53 -7.27 14.05 7.58
N LYS D 54 -8.26 14.87 7.95
CA LYS D 54 -8.80 14.77 9.33
C LYS D 54 -9.21 13.32 9.64
N GLY D 55 -9.75 12.65 8.62
CA GLY D 55 -10.29 11.32 8.80
C GLY D 55 -9.24 10.25 8.90
N PHE D 56 -8.09 10.45 8.28
CA PHE D 56 -7.05 9.44 8.40
C PHE D 56 -6.14 9.83 9.51
N PHE D 57 -5.92 11.14 9.69
CA PHE D 57 -5.04 11.68 10.70
C PHE D 57 -5.74 12.74 11.54
N GLY D 58 -5.19 13.96 11.54
CA GLY D 58 -5.78 15.05 12.31
C GLY D 58 -5.35 15.14 13.77
N ALA D 67 -8.76 32.19 10.44
CA ALA D 67 -7.94 33.33 10.02
C ALA D 67 -8.77 34.53 9.54
N VAL D 68 -8.07 35.56 9.08
CA VAL D 68 -8.72 36.83 8.73
C VAL D 68 -8.39 37.28 7.30
N LEU D 69 -9.41 37.31 6.45
CA LEU D 69 -9.28 37.83 5.10
C LEU D 69 -9.45 39.35 5.05
N TRP D 70 -8.42 40.03 4.53
CA TRP D 70 -8.42 41.48 4.32
C TRP D 70 -8.50 41.81 2.84
N VAL D 71 -9.43 42.71 2.52
CA VAL D 71 -9.69 43.11 1.14
C VAL D 71 -9.44 44.62 0.95
N SER D 72 -8.46 44.96 0.11
CA SER D 72 -8.11 46.35 -0.17
C SER D 72 -7.90 46.54 -1.66
N ALA D 73 -7.82 47.77 -2.12
CA ALA D 73 -7.67 47.98 -3.55
C ALA D 73 -6.31 47.49 -4.07
N ASP D 74 -5.40 47.20 -3.14
CA ASP D 74 -4.04 46.78 -3.51
C ASP D 74 -3.90 45.28 -3.58
N GLY D 75 -4.50 44.61 -2.60
CA GLY D 75 -4.41 43.16 -2.56
C GLY D 75 -5.35 42.48 -1.60
N LEU D 76 -5.39 41.16 -1.70
CA LEU D 76 -6.04 40.34 -0.71
C LEU D 76 -4.99 39.70 0.20
N ARG D 77 -5.22 39.74 1.51
CA ARG D 77 -4.28 39.08 2.41
C ARG D 77 -5.01 38.20 3.40
N VAL D 78 -4.50 36.99 3.59
CA VAL D 78 -5.06 36.14 4.65
C VAL D 78 -4.10 36.03 5.81
N VAL D 79 -4.57 36.46 6.97
CA VAL D 79 -3.66 36.72 8.08
C VAL D 79 -4.16 36.03 9.34
N ASP D 80 -3.28 35.26 9.97
CA ASP D 80 -3.71 34.53 11.16
C ASP D 80 -4.03 35.50 12.29
N GLU D 81 -5.31 35.56 12.66
CA GLU D 81 -5.81 36.43 13.74
C GLU D 81 -4.96 36.35 15.05
N LYS D 82 -4.65 35.12 15.49
CA LYS D 82 -3.88 34.84 16.72
C LYS D 82 -2.46 35.41 16.71
N THR D 83 -1.64 34.90 15.80
CA THR D 83 -0.24 35.24 15.75
C THR D 83 0.12 36.42 14.81
N LYS D 84 -0.85 36.85 13.98
CA LYS D 84 -0.67 37.90 12.95
C LYS D 84 0.38 37.51 11.89
N ASP D 85 0.42 36.22 11.57
CA ASP D 85 1.28 35.69 10.51
C ASP D 85 0.62 35.82 9.15
N LEU D 86 1.41 36.21 8.16
CA LEU D 86 0.92 36.44 6.80
C LEU D 86 0.83 35.15 6.00
N ILE D 87 -0.33 34.49 6.07
CA ILE D 87 -0.57 33.20 5.41
C ILE D 87 -0.57 33.27 3.88
N VAL D 88 -1.48 34.05 3.29
CA VAL D 88 -1.46 34.34 1.84
C VAL D 88 -1.46 35.85 1.55
N ASP D 89 -0.71 36.24 0.52
CA ASP D 89 -0.65 37.64 0.08
C ASP D 89 -0.81 37.69 -1.44
N GLN D 90 -1.99 38.10 -1.86
CA GLN D 90 -2.36 38.12 -3.27
C GLN D 90 -2.39 39.53 -3.80
N THR D 91 -1.53 39.84 -4.75
CA THR D 91 -1.58 41.17 -5.32
C THR D 91 -2.80 41.22 -6.22
N ILE D 92 -3.57 42.31 -6.17
CA ILE D 92 -4.89 42.33 -6.78
C ILE D 92 -4.83 42.19 -8.30
N GLU D 93 -3.74 42.68 -8.91
CA GLU D 93 -3.58 42.69 -10.37
C GLU D 93 -3.49 41.34 -11.03
N LYS D 94 -3.37 40.27 -10.26
CA LYS D 94 -3.19 38.97 -10.89
C LYS D 94 -4.41 38.09 -10.66
N VAL D 95 -5.53 38.71 -10.29
CA VAL D 95 -6.77 37.97 -10.05
C VAL D 95 -7.72 37.99 -11.26
N SER D 96 -8.14 36.82 -11.72
CA SER D 96 -8.93 36.74 -12.93
C SER D 96 -10.43 36.53 -12.73
N PHE D 97 -10.86 36.24 -11.52
CA PHE D 97 -12.24 35.86 -11.26
C PHE D 97 -12.48 35.67 -9.77
N CYS D 98 -13.72 35.85 -9.32
CA CYS D 98 -14.02 35.63 -7.91
C CYS D 98 -15.52 35.37 -7.67
N ALA D 99 -15.83 34.28 -6.96
CA ALA D 99 -17.17 33.69 -6.95
C ALA D 99 -17.69 33.26 -5.58
N PRO D 100 -19.01 33.33 -5.38
CA PRO D 100 -19.62 32.65 -4.24
C PRO D 100 -19.97 31.24 -4.66
N ASP D 101 -20.73 30.52 -3.86
CA ASP D 101 -21.04 29.16 -4.25
C ASP D 101 -22.52 28.88 -4.22
N ARG D 102 -23.00 28.13 -5.20
CA ARG D 102 -24.41 27.82 -5.22
C ARG D 102 -24.76 26.81 -4.12
N ASN D 103 -23.85 25.86 -3.86
CA ASN D 103 -24.09 24.77 -2.88
C ASN D 103 -23.86 25.14 -1.40
N PHE D 104 -22.74 25.80 -1.12
CA PHE D 104 -22.42 26.18 0.26
C PHE D 104 -22.59 27.68 0.45
N ASP D 105 -23.34 28.06 1.46
CA ASP D 105 -23.70 29.46 1.62
C ASP D 105 -22.53 30.31 2.08
N ARG D 106 -21.61 29.69 2.83
CA ARG D 106 -20.49 30.42 3.41
C ARG D 106 -19.24 30.35 2.51
N ALA D 107 -19.29 29.56 1.44
CA ALA D 107 -18.10 29.32 0.64
C ALA D 107 -17.82 30.48 -0.32
N PHE D 108 -16.53 30.78 -0.50
CA PHE D 108 -16.10 31.82 -1.42
C PHE D 108 -14.76 31.44 -2.06
N SER D 109 -14.55 31.72 -3.34
CA SER D 109 -13.26 31.38 -3.95
C SER D 109 -12.80 32.41 -4.97
N TYR D 110 -11.50 32.49 -5.18
CA TYR D 110 -10.99 33.40 -6.22
C TYR D 110 -9.93 32.69 -7.06
N ILE D 111 -9.87 32.98 -8.35
CA ILE D 111 -8.87 32.35 -9.20
C ILE D 111 -7.82 33.38 -9.53
N CYS D 112 -6.60 32.94 -9.75
CA CYS D 112 -5.52 33.89 -10.03
C CYS D 112 -4.39 33.27 -10.85
N ARG D 113 -3.53 34.12 -11.41
CA ARG D 113 -2.39 33.65 -12.20
C ARG D 113 -1.14 33.50 -11.35
N ASP D 114 -0.68 32.26 -11.23
CA ASP D 114 0.60 31.97 -10.61
C ASP D 114 1.70 32.16 -11.64
N GLY D 115 2.41 33.29 -11.50
CA GLY D 115 3.36 33.78 -12.47
C GLY D 115 4.59 32.91 -12.63
N THR D 116 5.07 32.35 -11.52
CA THR D 116 6.24 31.49 -11.54
C THR D 116 6.01 30.19 -12.34
N THR D 117 4.89 29.49 -12.11
CA THR D 117 4.58 28.25 -12.82
C THR D 117 3.60 28.47 -13.97
N ARG D 118 3.23 29.73 -14.20
CA ARG D 118 2.31 30.12 -15.28
C ARG D 118 0.96 29.36 -15.31
N ARG D 119 0.25 29.28 -14.19
CA ARG D 119 -1.02 28.52 -14.22
C ARG D 119 -2.19 29.15 -13.46
N TRP D 120 -3.36 28.55 -13.62
CA TRP D 120 -4.57 29.05 -12.93
C TRP D 120 -4.76 28.37 -11.58
N ILE D 121 -4.80 29.17 -10.52
CA ILE D 121 -4.87 28.67 -9.16
C ILE D 121 -6.09 29.20 -8.41
N CYS D 122 -6.98 28.29 -8.01
CA CYS D 122 -8.13 28.63 -7.16
C CYS D 122 -7.81 28.60 -5.67
N HIS D 123 -8.16 29.65 -4.93
CA HIS D 123 -8.00 29.69 -3.48
C HIS D 123 -9.36 29.72 -2.87
N CYS D 124 -9.63 28.82 -1.94
CA CYS D 124 -10.98 28.63 -1.40
C CYS D 124 -11.13 28.94 0.07
N PHE D 125 -12.30 29.41 0.46
CA PHE D 125 -12.57 29.83 1.83
C PHE D 125 -13.98 29.49 2.31
N MET D 126 -14.12 29.41 3.61
CA MET D 126 -15.44 29.26 4.20
C MET D 126 -15.61 30.38 5.20
N ALA D 127 -16.55 31.27 4.93
CA ALA D 127 -16.74 32.44 5.78
C ALA D 127 -17.39 32.03 7.09
N VAL D 128 -16.89 32.60 8.19
CA VAL D 128 -17.37 32.23 9.50
C VAL D 128 -18.65 32.95 9.93
N LYS D 129 -18.71 34.26 9.69
CA LYS D 129 -19.88 35.04 10.12
C LYS D 129 -20.77 35.51 8.96
N ASP D 130 -20.30 35.41 7.72
CA ASP D 130 -21.02 35.98 6.57
C ASP D 130 -21.25 34.98 5.43
N THR D 131 -22.08 35.37 4.46
CA THR D 131 -22.21 34.58 3.24
C THR D 131 -21.03 34.79 2.29
N GLY D 132 -20.94 33.91 1.29
CA GLY D 132 -19.93 34.01 0.26
C GLY D 132 -20.19 35.23 -0.61
N GLU D 133 -21.45 35.61 -0.74
CA GLU D 133 -21.76 36.72 -1.62
C GLU D 133 -21.35 38.05 -1.01
N ARG D 134 -21.35 38.17 0.32
CA ARG D 134 -20.89 39.43 0.88
C ARG D 134 -19.42 39.61 0.54
N LEU D 135 -18.68 38.52 0.70
CA LEU D 135 -17.26 38.54 0.44
C LEU D 135 -17.03 38.87 -1.02
N SER D 136 -17.75 38.20 -1.90
CA SER D 136 -17.52 38.33 -3.33
C SER D 136 -17.85 39.74 -3.79
N HIS D 137 -18.83 40.34 -3.12
CA HIS D 137 -19.17 41.73 -3.38
C HIS D 137 -18.00 42.64 -3.00
N ALA D 138 -17.42 42.39 -1.83
CA ALA D 138 -16.27 43.18 -1.36
C ALA D 138 -15.01 43.06 -2.25
N VAL D 139 -14.71 41.85 -2.66
CA VAL D 139 -13.61 41.60 -3.58
C VAL D 139 -13.88 42.24 -4.95
N GLY D 140 -15.17 42.28 -5.30
CA GLY D 140 -15.59 43.02 -6.47
C GLY D 140 -15.29 44.51 -6.38
N CYS D 141 -15.63 45.12 -5.24
CA CYS D 141 -15.30 46.52 -4.98
C CYS D 141 -13.79 46.73 -5.08
N ALA D 142 -13.02 45.74 -4.65
CA ALA D 142 -11.56 45.77 -4.83
C ALA D 142 -11.17 45.89 -6.29
N PHE D 143 -11.56 44.88 -7.07
CA PHE D 143 -11.33 44.88 -8.52
C PHE D 143 -11.65 46.24 -9.12
N ALA D 144 -12.85 46.70 -8.78
CA ALA D 144 -13.40 47.96 -9.23
C ALA D 144 -12.40 49.08 -9.01
N ALA D 145 -12.12 49.41 -7.76
CA ALA D 145 -11.18 50.48 -7.48
C ALA D 145 -9.81 50.33 -8.22
N CYS D 146 -9.26 49.10 -8.25
CA CYS D 146 -8.06 48.82 -9.06
C CYS D 146 -8.19 49.27 -10.52
N LEU D 147 -9.24 48.81 -11.21
CA LEU D 147 -9.47 49.16 -12.62
C LEU D 147 -9.71 50.65 -12.82
N GLU D 148 -10.40 51.28 -11.88
CA GLU D 148 -10.68 52.70 -11.98
C GLU D 148 -9.43 53.58 -11.84
N ARG D 149 -8.47 53.18 -11.00
CA ARG D 149 -7.34 54.06 -10.69
C ARG D 149 -6.29 54.26 -11.81
N LYS D 150 -6.00 53.20 -12.58
CA LYS D 150 -4.99 53.26 -13.64
C LYS D 150 -5.34 54.30 -14.72
N ASP E 9 -11.92 -32.46 26.50
CA ASP E 9 -11.02 -33.26 25.67
C ASP E 9 -10.93 -34.73 26.07
N GLU E 10 -10.90 -35.08 27.35
CA GLU E 10 -10.75 -36.51 27.74
C GLU E 10 -11.94 -37.29 27.19
N GLU E 11 -13.08 -36.63 27.31
CA GLU E 11 -14.35 -37.17 26.89
C GLU E 11 -14.43 -37.18 25.35
N GLY E 12 -13.72 -36.27 24.69
CA GLY E 12 -13.73 -36.26 23.24
C GLY E 12 -12.92 -37.44 22.70
N VAL E 13 -11.75 -37.66 23.31
CA VAL E 13 -10.86 -38.78 22.97
C VAL E 13 -11.53 -40.15 23.19
N ARG E 14 -12.20 -40.29 24.34
CA ARG E 14 -12.95 -41.53 24.62
C ARG E 14 -14.15 -41.77 23.70
N THR E 15 -14.83 -40.69 23.33
CA THR E 15 -16.01 -40.74 22.44
C THR E 15 -15.65 -40.51 20.96
N GLY E 16 -14.36 -40.45 20.64
CA GLY E 16 -13.89 -40.31 19.27
C GLY E 16 -14.36 -39.02 18.57
N LYS E 17 -14.57 -37.96 19.35
CA LYS E 17 -15.07 -36.70 18.78
C LYS E 17 -14.04 -35.57 18.80
N CYS E 18 -12.86 -35.82 19.39
CA CYS E 18 -11.89 -34.75 19.60
C CYS E 18 -11.12 -34.46 18.29
N SER E 19 -11.19 -33.23 17.79
CA SER E 19 -10.52 -32.84 16.54
C SER E 19 -9.85 -31.46 16.71
N PHE E 20 -8.82 -31.17 15.94
CA PHE E 20 -8.17 -29.86 16.01
C PHE E 20 -7.84 -29.37 14.62
N PRO E 21 -8.18 -28.12 14.30
CA PRO E 21 -7.71 -27.58 13.02
C PRO E 21 -6.19 -27.36 12.97
N VAL E 22 -5.51 -27.92 11.96
CA VAL E 22 -4.05 -27.87 11.89
C VAL E 22 -3.50 -27.64 10.48
N LYS E 23 -2.20 -27.39 10.42
CA LYS E 23 -1.40 -27.46 9.22
C LYS E 23 -0.34 -28.52 9.44
N TYR E 24 -0.39 -29.58 8.66
CA TYR E 24 0.54 -30.68 8.82
C TYR E 24 1.78 -30.21 8.12
N LEU E 25 2.85 -30.01 8.89
CA LEU E 25 4.08 -29.49 8.33
C LEU E 25 4.80 -30.59 7.60
N GLY E 26 4.69 -31.79 8.14
CA GLY E 26 5.30 -32.98 7.56
C GLY E 26 6.12 -33.76 8.56
N HIS E 27 6.67 -34.87 8.11
CA HIS E 27 7.52 -35.73 8.92
C HIS E 27 9.03 -35.68 8.69
N VAL E 28 9.78 -36.08 9.72
CA VAL E 28 11.23 -36.12 9.65
C VAL E 28 11.67 -37.28 10.50
N GLU E 29 12.72 -37.97 10.01
CA GLU E 29 13.49 -38.99 10.70
C GLU E 29 14.13 -38.32 11.88
N VAL E 30 14.08 -38.97 13.02
CA VAL E 30 14.73 -38.44 14.22
C VAL E 30 15.47 -39.57 14.90
N ASP E 31 16.58 -39.24 15.55
CA ASP E 31 17.46 -40.24 16.13
C ASP E 31 17.09 -40.87 17.47
N GLU E 32 15.99 -40.49 18.08
CA GLU E 32 15.59 -41.00 19.39
C GLU E 32 14.06 -41.15 19.50
N SER E 33 13.58 -42.03 20.39
CA SER E 33 12.14 -42.22 20.63
C SER E 33 11.51 -41.09 21.43
N ARG E 34 12.32 -40.30 22.13
CA ARG E 34 11.83 -39.18 22.94
C ARG E 34 12.82 -38.01 22.91
N GLY E 35 12.36 -36.88 23.43
CA GLY E 35 13.17 -35.68 23.51
C GLY E 35 12.30 -34.52 23.17
N MET E 36 12.22 -33.62 24.14
CA MET E 36 11.44 -32.41 24.04
C MET E 36 12.19 -31.52 23.01
N HIS E 37 13.51 -31.66 23.04
CA HIS E 37 14.35 -30.95 22.11
C HIS E 37 14.49 -31.62 20.74
N ILE E 38 14.40 -32.93 20.67
CA ILE E 38 14.42 -33.60 19.39
C ILE E 38 13.29 -33.09 18.47
N CYS E 39 12.12 -32.89 19.11
CA CYS E 39 10.95 -32.32 18.45
C CYS E 39 11.16 -30.92 18.02
N GLU E 40 11.43 -30.03 18.99
CA GLU E 40 11.71 -28.63 18.60
C GLU E 40 12.58 -28.54 17.34
N ASP E 41 13.64 -29.31 17.34
CA ASP E 41 14.50 -29.38 16.17
C ASP E 41 13.76 -29.82 14.90
N ALA E 42 13.10 -30.96 14.89
CA ALA E 42 12.41 -31.38 13.67
C ALA E 42 11.44 -30.30 13.14
N VAL E 43 10.87 -29.51 14.07
CA VAL E 43 10.00 -28.42 13.63
C VAL E 43 10.86 -27.38 12.90
N LYS E 44 12.00 -26.98 13.45
CA LYS E 44 12.79 -25.95 12.76
C LYS E 44 13.35 -26.43 11.43
N ARG E 45 13.56 -27.73 11.33
CA ARG E 45 13.97 -28.33 10.08
C ARG E 45 12.93 -28.13 8.99
N LEU E 46 11.70 -28.55 9.31
CA LEU E 46 10.61 -28.48 8.33
C LEU E 46 10.35 -27.04 8.02
N LYS E 47 10.44 -26.18 9.03
CA LYS E 47 10.20 -24.79 8.80
C LYS E 47 11.28 -24.10 7.93
N ALA E 48 12.50 -24.63 7.89
CA ALA E 48 13.50 -24.04 6.99
C ALA E 48 13.64 -24.72 5.61
N GLU E 49 12.79 -25.71 5.41
CA GLU E 49 12.84 -26.60 4.26
C GLU E 49 11.64 -25.98 3.59
N ARG E 50 10.50 -25.95 4.27
CA ARG E 50 9.27 -25.38 3.71
C ARG E 50 9.74 -24.08 3.09
N LYS E 51 10.46 -23.28 3.90
CA LYS E 51 11.15 -22.09 3.34
C LYS E 51 11.95 -22.31 2.02
N PHE E 52 12.78 -23.35 1.90
CA PHE E 52 13.39 -23.64 0.54
C PHE E 52 12.38 -23.75 -0.61
N PHE E 53 11.92 -24.96 -0.89
CA PHE E 53 10.95 -25.19 -1.97
C PHE E 53 9.83 -24.15 -1.92
N LYS E 63 4.63 -28.62 0.11
CA LYS E 63 3.75 -27.65 0.77
C LYS E 63 3.28 -28.16 2.15
N ALA E 64 3.15 -27.22 3.09
CA ALA E 64 2.39 -27.39 4.33
C ALA E 64 0.93 -27.63 3.94
N VAL E 65 0.19 -28.47 4.66
CA VAL E 65 -1.18 -28.78 4.17
C VAL E 65 -2.25 -28.54 5.25
N LYS E 66 -3.24 -27.69 4.88
CA LYS E 66 -4.40 -27.41 5.72
C LYS E 66 -5.23 -28.69 5.92
N ALA E 67 -5.41 -29.07 7.18
CA ALA E 67 -6.13 -30.29 7.52
C ALA E 67 -6.74 -30.27 8.91
N VAL E 68 -7.44 -31.34 9.24
CA VAL E 68 -7.95 -31.56 10.60
C VAL E 68 -7.38 -32.82 11.27
N LEU E 69 -6.80 -32.65 12.46
CA LEU E 69 -6.23 -33.77 13.22
C LEU E 69 -7.23 -34.38 14.20
N TRP E 70 -7.54 -35.67 14.07
CA TRP E 70 -8.47 -36.32 14.98
C TRP E 70 -7.70 -37.16 15.95
N VAL E 71 -8.09 -37.10 17.20
CA VAL E 71 -7.36 -37.79 18.25
C VAL E 71 -8.32 -38.70 19.01
N SER E 72 -8.12 -40.00 18.86
CA SER E 72 -8.90 -40.98 19.59
C SER E 72 -8.02 -41.97 20.39
N ALA E 73 -8.67 -42.81 21.20
CA ALA E 73 -7.95 -43.81 21.99
C ALA E 73 -7.33 -44.92 21.15
N ASP E 74 -7.78 -45.04 19.91
CA ASP E 74 -7.26 -46.09 19.04
C ASP E 74 -6.16 -45.58 18.11
N GLY E 75 -6.19 -44.30 17.78
CA GLY E 75 -5.22 -43.72 16.86
C GLY E 75 -5.39 -42.26 16.51
N LEU E 76 -4.44 -41.73 15.75
CA LEU E 76 -4.48 -40.35 15.33
C LEU E 76 -4.70 -40.32 13.84
N ARG E 77 -5.55 -39.41 13.38
CA ARG E 77 -5.85 -39.30 11.94
C ARG E 77 -5.76 -37.89 11.48
N VAL E 78 -5.22 -37.70 10.30
CA VAL E 78 -5.17 -36.38 9.76
C VAL E 78 -5.96 -36.43 8.50
N VAL E 79 -7.00 -35.62 8.43
CA VAL E 79 -7.84 -35.58 7.25
C VAL E 79 -7.73 -34.26 6.51
N ASP E 80 -7.46 -34.31 5.21
CA ASP E 80 -7.29 -33.13 4.37
C ASP E 80 -8.54 -32.28 4.33
N GLU E 81 -8.45 -30.95 4.43
CA GLU E 81 -9.70 -30.16 4.35
C GLU E 81 -10.34 -29.99 2.98
N LYS E 82 -9.56 -29.82 1.93
CA LYS E 82 -10.14 -29.59 0.63
C LYS E 82 -10.86 -30.88 0.17
N THR E 83 -10.16 -32.02 0.19
CA THR E 83 -10.70 -33.28 -0.36
C THR E 83 -11.24 -34.28 0.67
N LYS E 84 -11.02 -34.01 1.95
CA LYS E 84 -11.40 -34.94 3.02
C LYS E 84 -10.78 -36.35 2.99
N ASP E 85 -9.67 -36.52 2.26
CA ASP E 85 -8.92 -37.79 2.20
C ASP E 85 -8.02 -37.99 3.43
N LEU E 86 -7.93 -39.23 3.92
CA LEU E 86 -7.03 -39.57 5.05
C LEU E 86 -5.55 -39.53 4.64
N ILE E 87 -4.86 -38.52 5.17
CA ILE E 87 -3.46 -38.23 4.87
C ILE E 87 -2.53 -39.08 5.77
N VAL E 88 -2.88 -39.21 7.06
CA VAL E 88 -2.06 -39.92 8.05
C VAL E 88 -3.00 -40.74 8.92
N ASP E 89 -2.69 -42.03 9.07
CA ASP E 89 -3.39 -42.94 10.00
C ASP E 89 -2.42 -43.65 10.89
N GLN E 90 -2.13 -43.02 12.02
CA GLN E 90 -1.09 -43.49 12.92
C GLN E 90 -1.68 -44.21 14.12
N THR E 91 -1.28 -45.47 14.34
CA THR E 91 -1.84 -46.26 15.45
C THR E 91 -1.28 -45.82 16.78
N ILE E 92 -2.12 -45.75 17.79
CA ILE E 92 -1.67 -45.19 19.04
C ILE E 92 -0.64 -46.07 19.73
N GLU E 93 -0.63 -47.35 19.39
CA GLU E 93 0.23 -48.35 20.02
C GLU E 93 1.68 -48.37 19.55
N LYS E 94 1.97 -47.81 18.38
CA LYS E 94 3.33 -47.67 17.89
C LYS E 94 3.79 -46.22 17.98
N VAL E 95 3.11 -45.40 18.79
CA VAL E 95 3.59 -44.04 19.10
C VAL E 95 4.41 -43.89 20.38
N SER E 96 5.63 -43.42 20.22
CA SER E 96 6.58 -43.29 21.32
C SER E 96 6.34 -42.02 22.17
N PHE E 97 6.17 -40.85 21.53
CA PHE E 97 6.23 -39.62 22.33
C PHE E 97 5.44 -38.47 21.68
N CYS E 98 4.99 -37.50 22.46
CA CYS E 98 4.43 -36.31 21.82
C CYS E 98 4.73 -35.07 22.66
N ALA E 99 4.62 -33.88 22.09
CA ALA E 99 5.01 -32.69 22.83
C ALA E 99 4.72 -31.39 22.14
N PRO E 100 4.50 -30.34 22.94
CA PRO E 100 4.42 -28.98 22.42
C PRO E 100 5.80 -28.39 22.24
N ASP E 101 5.83 -27.10 22.01
CA ASP E 101 7.11 -26.53 21.65
C ASP E 101 7.43 -25.28 22.46
N ARG E 102 8.55 -25.26 23.13
CA ARG E 102 8.96 -24.09 23.90
C ARG E 102 8.97 -22.76 23.08
N ASN E 103 9.34 -22.78 21.80
CA ASN E 103 9.51 -21.52 21.03
C ASN E 103 8.46 -21.25 19.98
N PHE E 104 7.69 -22.27 19.67
CA PHE E 104 6.56 -22.13 18.77
C PHE E 104 5.27 -22.50 19.48
N ASP E 105 4.57 -21.49 20.00
CA ASP E 105 3.43 -21.70 20.87
C ASP E 105 2.26 -22.49 20.24
N ARG E 106 2.08 -22.40 18.92
CA ARG E 106 1.04 -23.21 18.24
C ARG E 106 1.50 -24.60 17.76
N ALA E 107 2.79 -24.91 17.92
CA ALA E 107 3.39 -26.14 17.42
C ALA E 107 3.14 -27.34 18.30
N PHE E 108 2.87 -28.46 17.65
CA PHE E 108 2.74 -29.76 18.31
C PHE E 108 3.35 -30.86 17.46
N SER E 109 4.05 -31.83 18.04
CA SER E 109 4.61 -32.88 17.21
C SER E 109 4.59 -34.21 17.96
N TYR E 110 4.73 -35.32 17.25
CA TYR E 110 4.82 -36.57 17.96
C TYR E 110 5.76 -37.52 17.26
N ILE E 111 6.51 -38.32 18.02
CA ILE E 111 7.42 -39.30 17.45
C ILE E 111 6.71 -40.64 17.40
N CYS E 112 7.12 -41.48 16.46
CA CYS E 112 6.57 -42.83 16.31
C CYS E 112 7.57 -43.75 15.66
N ARG E 113 7.38 -45.02 15.94
CA ARG E 113 8.21 -46.03 15.30
C ARG E 113 7.56 -46.42 13.99
N ASP E 114 8.41 -46.47 12.99
CA ASP E 114 7.99 -46.99 11.72
C ASP E 114 8.79 -48.25 11.58
N GLY E 115 8.04 -49.35 11.73
CA GLY E 115 8.58 -50.69 11.76
C GLY E 115 9.01 -51.27 10.44
N THR E 116 8.48 -50.71 9.35
CA THR E 116 8.89 -51.15 8.03
C THR E 116 10.23 -50.51 7.66
N THR E 117 10.36 -49.21 7.85
CA THR E 117 11.62 -48.53 7.57
C THR E 117 12.59 -48.73 8.75
N ARG E 118 12.05 -49.19 9.87
CA ARG E 118 12.80 -49.43 11.12
C ARG E 118 13.55 -48.17 11.55
N ARG E 119 12.79 -47.10 11.79
CA ARG E 119 13.34 -45.79 12.18
C ARG E 119 12.31 -44.98 12.96
N TRP E 120 12.81 -44.02 13.74
CA TRP E 120 11.96 -43.07 14.46
C TRP E 120 11.58 -41.84 13.59
N ILE E 121 10.28 -41.52 13.57
CA ILE E 121 9.77 -40.46 12.70
C ILE E 121 8.95 -39.45 13.47
N CYS E 122 9.42 -38.20 13.42
CA CYS E 122 8.70 -37.12 14.06
C CYS E 122 7.62 -36.68 13.07
N HIS E 123 6.53 -36.14 13.58
CA HIS E 123 5.40 -35.69 12.79
C HIS E 123 4.93 -34.38 13.32
N CYS E 124 5.29 -33.30 12.63
CA CYS E 124 5.00 -31.98 13.13
C CYS E 124 3.74 -31.32 12.63
N PHE E 125 3.16 -30.49 13.49
CA PHE E 125 1.97 -29.74 13.19
C PHE E 125 2.04 -28.32 13.68
N MET E 126 1.24 -27.48 13.02
CA MET E 126 0.96 -26.17 13.52
C MET E 126 -0.54 -26.02 13.71
N ALA E 127 -0.96 -25.90 14.96
CA ALA E 127 -2.35 -25.73 15.32
C ALA E 127 -2.70 -24.34 14.80
N VAL E 128 -3.91 -24.14 14.35
CA VAL E 128 -4.26 -22.84 13.76
C VAL E 128 -4.79 -21.90 14.81
N LYS E 129 -5.74 -22.42 15.56
CA LYS E 129 -6.47 -21.70 16.59
C LYS E 129 -6.05 -22.14 18.00
N ASP E 130 -5.26 -23.21 18.17
CA ASP E 130 -4.99 -23.71 19.51
C ASP E 130 -3.52 -23.70 19.89
N THR E 131 -3.25 -23.98 21.17
CA THR E 131 -1.89 -24.15 21.67
C THR E 131 -1.39 -25.57 21.50
N GLY E 132 -0.09 -25.71 21.34
CA GLY E 132 0.55 -27.00 21.23
C GLY E 132 0.18 -27.88 22.41
N GLU E 133 0.09 -27.26 23.57
CA GLU E 133 -0.17 -28.03 24.76
C GLU E 133 -1.57 -28.62 24.87
N ARG E 134 -2.59 -27.93 24.37
CA ARG E 134 -3.91 -28.53 24.38
C ARG E 134 -3.93 -29.84 23.57
N LEU E 135 -3.26 -29.81 22.41
CA LEU E 135 -3.20 -31.00 21.56
C LEU E 135 -2.44 -32.11 22.24
N SER E 136 -1.26 -31.73 22.76
CA SER E 136 -0.41 -32.68 23.43
C SER E 136 -1.14 -33.34 24.57
N HIS E 137 -1.88 -32.56 25.33
CA HIS E 137 -2.73 -33.11 26.36
C HIS E 137 -3.76 -34.11 25.87
N ALA E 138 -4.43 -33.80 24.77
CA ALA E 138 -5.43 -34.69 24.20
C ALA E 138 -4.82 -36.05 23.81
N VAL E 139 -3.65 -35.98 23.18
CA VAL E 139 -2.96 -37.18 22.70
C VAL E 139 -2.41 -37.96 23.92
N GLY E 140 -2.10 -37.24 25.00
CA GLY E 140 -1.76 -37.90 26.25
C GLY E 140 -2.94 -38.69 26.82
N CYS E 141 -4.13 -38.14 26.70
CA CYS E 141 -5.34 -38.86 27.09
C CYS E 141 -5.52 -40.11 26.26
N ALA E 142 -5.21 -40.04 24.97
CA ALA E 142 -5.21 -41.23 24.11
C ALA E 142 -4.23 -42.28 24.65
N PHE E 143 -2.97 -41.88 24.86
CA PHE E 143 -1.94 -42.75 25.45
C PHE E 143 -2.48 -43.43 26.71
N ALA E 144 -3.16 -42.64 27.54
CA ALA E 144 -3.74 -43.14 28.76
C ALA E 144 -4.80 -44.18 28.52
N ALA E 145 -5.77 -43.87 27.69
CA ALA E 145 -6.85 -44.80 27.40
C ALA E 145 -6.28 -46.13 26.88
N CYS E 146 -5.27 -46.03 26.02
CA CYS E 146 -4.58 -47.20 25.47
C CYS E 146 -3.91 -48.07 26.55
N LEU E 147 -2.97 -47.45 27.26
CA LEU E 147 -2.21 -48.01 28.41
C LEU E 147 -3.04 -48.66 29.52
N GLU E 148 -4.21 -48.08 29.77
CA GLU E 148 -5.08 -48.55 30.83
C GLU E 148 -5.74 -49.89 30.58
N ARG E 149 -6.08 -50.24 29.36
CA ARG E 149 -6.71 -51.54 29.15
C ARG E 149 -5.77 -52.78 29.14
N LYS E 150 -4.51 -52.66 28.70
CA LYS E 150 -3.45 -53.73 28.73
C LYS E 150 -3.84 -55.09 29.38
N HIS F 4 39.66 -1.70 5.55
CA HIS F 4 39.29 -2.26 6.86
C HIS F 4 38.18 -1.53 7.55
N GLN F 5 37.38 -0.77 6.83
CA GLN F 5 36.44 0.05 7.54
C GLN F 5 35.28 -0.87 7.96
N TRP F 6 35.02 -1.90 7.14
CA TRP F 6 33.83 -2.65 7.50
C TRP F 6 34.21 -3.76 8.50
N GLN F 7 35.52 -3.92 8.68
CA GLN F 7 36.09 -4.81 9.72
C GLN F 7 35.72 -4.33 11.13
N THR F 8 35.81 -2.99 11.23
CA THR F 8 35.47 -2.24 12.43
C THR F 8 33.95 -2.24 12.52
N ASP F 9 33.25 -2.27 11.36
CA ASP F 9 31.79 -2.21 11.47
C ASP F 9 31.47 -3.50 12.19
N GLU F 10 32.16 -4.57 11.81
CA GLU F 10 31.94 -5.90 12.34
C GLU F 10 32.20 -5.96 13.84
N GLU F 11 33.29 -5.31 14.23
CA GLU F 11 33.66 -5.28 15.65
C GLU F 11 32.72 -4.38 16.48
N GLY F 12 32.14 -3.34 15.85
CA GLY F 12 31.20 -2.41 16.47
C GLY F 12 29.89 -3.13 16.69
N VAL F 13 29.47 -3.88 15.70
CA VAL F 13 28.26 -4.67 15.78
C VAL F 13 28.34 -5.69 16.91
N ARG F 14 29.49 -6.35 17.04
CA ARG F 14 29.65 -7.29 18.14
C ARG F 14 29.65 -6.67 19.57
N THR F 15 30.25 -5.47 19.71
CA THR F 15 30.35 -4.68 20.95
C THR F 15 29.24 -3.61 21.12
N GLY F 16 28.22 -3.64 20.28
CA GLY F 16 27.08 -2.73 20.38
C GLY F 16 27.34 -1.24 20.19
N LYS F 17 28.35 -0.90 19.40
CA LYS F 17 28.75 0.49 19.16
C LYS F 17 28.48 1.00 17.73
N CYS F 18 27.98 0.14 16.84
CA CYS F 18 27.87 0.54 15.44
C CYS F 18 26.62 1.41 15.18
N SER F 19 26.79 2.63 14.65
CA SER F 19 25.65 3.53 14.40
C SER F 19 25.80 4.16 13.03
N PHE F 20 24.66 4.57 12.45
CA PHE F 20 24.60 5.28 11.18
C PHE F 20 23.55 6.39 11.21
N PRO F 21 23.90 7.61 10.78
CA PRO F 21 22.89 8.67 10.62
C PRO F 21 21.97 8.32 9.46
N VAL F 22 20.67 8.31 9.67
CA VAL F 22 19.77 7.83 8.63
C VAL F 22 18.55 8.74 8.56
N LYS F 23 17.75 8.50 7.52
CA LYS F 23 16.41 9.01 7.39
C LYS F 23 15.45 7.85 7.32
N TYR F 24 14.60 7.70 8.30
CA TYR F 24 13.67 6.58 8.33
C TYR F 24 12.48 6.92 7.46
N LEU F 25 12.30 6.17 6.36
CA LEU F 25 11.19 6.45 5.44
C LEU F 25 9.87 5.91 5.96
N GLY F 26 9.93 4.76 6.63
CA GLY F 26 8.75 4.14 7.16
C GLY F 26 8.62 2.69 6.75
N HIS F 27 7.61 2.02 7.22
CA HIS F 27 7.36 0.65 6.84
C HIS F 27 6.24 0.38 5.85
N VAL F 28 6.32 -0.74 5.14
CA VAL F 28 5.31 -1.11 4.15
C VAL F 28 5.17 -2.64 4.09
N GLU F 29 3.95 -3.17 3.93
CA GLU F 29 3.69 -4.59 3.65
C GLU F 29 4.30 -5.05 2.30
N VAL F 30 4.91 -6.23 2.30
CA VAL F 30 5.45 -6.85 1.12
C VAL F 30 5.00 -8.29 1.19
N ASP F 31 4.71 -8.92 0.05
CA ASP F 31 4.18 -10.29 0.01
C ASP F 31 5.20 -11.44 0.15
N GLU F 32 6.47 -11.15 0.38
CA GLU F 32 7.48 -12.22 0.48
C GLU F 32 8.52 -11.89 1.53
N SER F 33 9.14 -12.92 2.11
CA SER F 33 10.17 -12.67 3.12
C SER F 33 11.50 -12.18 2.61
N ARG F 34 11.81 -12.39 1.34
CA ARG F 34 13.10 -11.94 0.82
C ARG F 34 12.91 -11.48 -0.61
N GLY F 35 13.90 -10.83 -1.19
CA GLY F 35 13.77 -10.38 -2.56
C GLY F 35 14.36 -9.01 -2.68
N MET F 36 15.33 -8.93 -3.57
CA MET F 36 16.08 -7.72 -3.85
C MET F 36 15.13 -6.69 -4.56
N HIS F 37 14.23 -7.21 -5.37
CA HIS F 37 13.27 -6.35 -6.04
C HIS F 37 12.08 -6.04 -5.13
N ILE F 38 11.74 -6.94 -4.20
CA ILE F 38 10.68 -6.65 -3.22
C ILE F 38 11.02 -5.40 -2.37
N CYS F 39 12.28 -5.29 -1.97
CA CYS F 39 12.77 -4.12 -1.25
C CYS F 39 12.71 -2.92 -2.12
N GLU F 40 13.44 -2.97 -3.25
CA GLU F 40 13.39 -1.86 -4.21
C GLU F 40 11.97 -1.28 -4.38
N ASP F 41 10.99 -2.16 -4.55
CA ASP F 41 9.59 -1.74 -4.63
C ASP F 41 9.19 -0.92 -3.39
N ALA F 42 9.34 -1.54 -2.21
CA ALA F 42 8.97 -0.87 -0.96
C ALA F 42 9.62 0.51 -0.81
N VAL F 43 10.83 0.64 -1.31
CA VAL F 43 11.50 1.93 -1.27
C VAL F 43 10.77 2.91 -2.20
N LYS F 44 10.42 2.51 -3.44
CA LYS F 44 9.76 3.52 -4.29
C LYS F 44 8.35 3.93 -3.85
N ARG F 45 7.63 3.00 -3.19
CA ARG F 45 6.33 3.26 -2.57
C ARG F 45 6.45 4.27 -1.45
N LEU F 46 7.36 4.01 -0.53
CA LEU F 46 7.50 4.91 0.59
C LEU F 46 7.93 6.26 0.06
N LYS F 47 8.82 6.29 -0.93
CA LYS F 47 9.29 7.57 -1.45
C LYS F 47 8.18 8.34 -2.20
N ALA F 48 7.16 7.61 -2.68
CA ALA F 48 5.99 8.20 -3.35
C ALA F 48 4.83 8.47 -2.42
N GLU F 49 5.03 8.23 -1.15
CA GLU F 49 3.95 8.31 -0.20
C GLU F 49 4.45 9.62 0.34
N ARG F 50 5.68 9.66 0.85
CA ARG F 50 6.18 10.91 1.42
C ARG F 50 6.03 12.01 0.37
N LYS F 51 6.19 11.68 -0.91
CA LYS F 51 5.93 12.74 -1.90
C LYS F 51 4.43 13.05 -2.05
N PHE F 52 3.50 12.06 -1.94
CA PHE F 52 2.07 12.43 -1.84
C PHE F 52 1.79 13.44 -0.74
N PHE F 53 2.39 13.24 0.44
CA PHE F 53 2.09 14.07 1.62
C PHE F 53 2.68 15.46 1.52
N LYS F 54 3.51 15.68 0.50
CA LYS F 54 4.10 16.99 0.32
C LYS F 54 3.11 17.89 -0.45
N GLY F 55 1.86 17.39 -0.62
CA GLY F 55 0.70 18.15 -1.12
C GLY F 55 0.75 19.59 -0.64
N PHE F 56 0.17 19.94 0.51
CA PHE F 56 -1.00 19.34 1.12
C PHE F 56 -1.48 20.47 2.02
N LYS F 62 3.49 13.78 7.77
CA LYS F 62 4.36 12.66 7.45
C LYS F 62 5.57 13.06 6.58
N LYS F 63 6.66 13.44 7.22
CA LYS F 63 7.97 13.67 6.56
C LYS F 63 9.01 12.72 7.14
N ALA F 64 9.86 12.15 6.27
CA ALA F 64 10.88 11.15 6.67
C ALA F 64 11.87 11.72 7.69
N VAL F 65 12.33 10.86 8.60
CA VAL F 65 12.77 11.30 9.92
C VAL F 65 14.29 11.11 10.13
N LYS F 66 14.98 12.20 10.42
CA LYS F 66 16.41 12.12 10.77
C LYS F 66 16.56 11.31 12.04
N ALA F 67 17.35 10.25 11.97
CA ALA F 67 17.50 9.39 13.12
C ALA F 67 18.82 8.68 13.12
N VAL F 68 19.09 7.92 14.17
CA VAL F 68 20.27 7.09 14.15
C VAL F 68 19.96 5.60 14.28
N LEU F 69 20.45 4.82 13.32
CA LEU F 69 20.28 3.37 13.32
C LEU F 69 21.51 2.73 13.98
N TRP F 70 21.28 1.99 15.06
CA TRP F 70 22.30 1.30 15.80
C TRP F 70 22.14 -0.12 15.36
N VAL F 71 23.24 -0.80 15.11
CA VAL F 71 23.15 -2.16 14.57
C VAL F 71 23.93 -2.99 15.54
N SER F 72 23.21 -3.82 16.25
CA SER F 72 23.87 -4.72 17.16
C SER F 72 23.52 -6.19 16.95
N ALA F 73 24.23 -7.04 17.67
CA ALA F 73 24.02 -8.47 17.62
C ALA F 73 22.68 -8.84 18.24
N ASP F 74 22.09 -7.92 19.00
CA ASP F 74 20.81 -8.21 19.64
C ASP F 74 19.62 -7.71 18.88
N GLY F 75 19.82 -6.64 18.12
CA GLY F 75 18.72 -6.05 17.39
C GLY F 75 19.16 -4.81 16.66
N LEU F 76 18.25 -4.24 15.88
CA LEU F 76 18.56 -3.02 15.18
C LEU F 76 17.69 -2.01 15.89
N ARG F 77 18.21 -0.82 16.19
CA ARG F 77 17.42 0.19 16.87
C ARG F 77 17.56 1.52 16.16
N VAL F 78 16.45 2.24 16.05
CA VAL F 78 16.40 3.59 15.46
C VAL F 78 15.90 4.57 16.48
N VAL F 79 16.75 5.57 16.74
CA VAL F 79 16.46 6.60 17.70
C VAL F 79 16.27 7.94 17.01
N ASP F 80 15.15 8.64 17.27
CA ASP F 80 14.90 9.95 16.63
C ASP F 80 16.01 10.87 17.10
N GLU F 81 16.61 11.64 16.20
CA GLU F 81 17.64 12.56 16.64
C GLU F 81 17.05 13.79 17.35
N LYS F 82 15.90 14.30 16.87
CA LYS F 82 15.25 15.50 17.42
C LYS F 82 14.71 15.20 18.84
N THR F 83 13.96 14.12 19.04
CA THR F 83 13.32 13.87 20.34
C THR F 83 14.07 12.84 21.20
N LYS F 84 15.05 12.16 20.59
CA LYS F 84 15.82 11.04 21.17
C LYS F 84 14.95 9.84 21.64
N ASP F 85 13.73 9.80 21.09
CA ASP F 85 12.75 8.74 21.29
C ASP F 85 13.11 7.54 20.46
N LEU F 86 12.95 6.36 21.04
CA LEU F 86 13.17 5.12 20.31
C LEU F 86 12.02 4.84 19.31
N ILE F 87 12.26 4.93 18.01
CA ILE F 87 11.19 4.75 17.03
C ILE F 87 10.95 3.28 16.67
N VAL F 88 12.00 2.50 16.49
CA VAL F 88 11.83 1.11 16.10
C VAL F 88 12.90 0.36 16.94
N ASP F 89 12.47 -0.71 17.59
CA ASP F 89 13.23 -1.69 18.36
C ASP F 89 12.92 -3.08 17.87
N GLN F 90 13.71 -3.48 16.87
CA GLN F 90 13.46 -4.70 16.14
C GLN F 90 14.36 -5.84 16.58
N THR F 91 13.79 -6.97 17.05
CA THR F 91 14.67 -8.06 17.52
C THR F 91 15.24 -8.79 16.30
N ILE F 92 16.51 -9.15 16.38
CA ILE F 92 17.24 -9.67 15.25
C ILE F 92 16.74 -11.02 14.80
N GLU F 93 16.05 -11.71 15.68
CA GLU F 93 15.56 -13.05 15.44
C GLU F 93 14.31 -13.11 14.56
N LYS F 94 13.62 -11.97 14.44
CA LYS F 94 12.47 -11.88 13.56
C LYS F 94 12.74 -11.12 12.24
N VAL F 95 13.99 -10.95 11.87
CA VAL F 95 14.34 -10.43 10.55
C VAL F 95 14.64 -11.47 9.45
N SER F 96 13.91 -11.47 8.34
CA SER F 96 14.06 -12.45 7.26
C SER F 96 15.25 -12.13 6.32
N PHE F 97 15.35 -10.88 5.90
CA PHE F 97 16.23 -10.50 4.81
C PHE F 97 16.65 -9.02 4.90
N CYS F 98 17.78 -8.62 4.34
CA CYS F 98 18.05 -7.19 4.25
C CYS F 98 18.80 -6.92 2.94
N ALA F 99 18.84 -5.65 2.53
CA ALA F 99 19.43 -5.32 1.23
C ALA F 99 19.53 -3.84 0.96
N PRO F 100 20.51 -3.45 0.14
CA PRO F 100 20.64 -2.11 -0.42
C PRO F 100 19.76 -1.91 -1.64
N ASP F 101 19.94 -0.87 -2.45
CA ASP F 101 18.96 -0.62 -3.52
C ASP F 101 19.74 -0.43 -4.81
N ARG F 102 19.45 -1.23 -5.83
CA ARG F 102 20.14 -1.12 -7.13
C ARG F 102 20.13 0.28 -7.74
N ASN F 103 19.03 1.00 -7.57
CA ASN F 103 18.83 2.30 -8.23
C ASN F 103 18.85 3.53 -7.29
N PHE F 104 18.79 3.28 -6.00
CA PHE F 104 18.96 4.33 -5.00
C PHE F 104 20.17 4.08 -4.05
N ASP F 105 21.35 4.66 -4.34
CA ASP F 105 22.57 4.27 -3.61
C ASP F 105 22.63 4.48 -2.12
N ARG F 106 21.91 5.45 -1.57
CA ARG F 106 21.88 5.66 -0.13
C ARG F 106 20.79 4.83 0.57
N ALA F 107 19.98 4.12 -0.21
CA ALA F 107 18.85 3.38 0.34
C ALA F 107 19.27 2.04 0.95
N PHE F 108 18.65 1.71 2.08
CA PHE F 108 18.81 0.42 2.74
C PHE F 108 17.50 -0.08 3.33
N SER F 109 17.22 -1.36 3.25
CA SER F 109 15.97 -1.81 3.82
C SER F 109 16.06 -3.19 4.39
N TYR F 110 15.09 -3.56 5.23
CA TYR F 110 15.06 -4.94 5.73
C TYR F 110 13.63 -5.48 5.86
N ILE F 111 13.43 -6.77 5.61
CA ILE F 111 12.11 -7.40 5.73
C ILE F 111 12.09 -8.03 7.11
N CYS F 112 10.93 -8.18 7.70
CA CYS F 112 10.82 -8.83 9.00
C CYS F 112 9.42 -9.40 9.14
N ARG F 113 9.28 -10.42 9.97
CA ARG F 113 7.96 -10.98 10.23
C ARG F 113 7.27 -10.25 11.34
N ASP F 114 5.99 -9.94 11.08
CA ASP F 114 5.14 -9.39 12.12
C ASP F 114 4.09 -10.41 12.37
N GLY F 115 4.26 -11.04 13.54
CA GLY F 115 3.43 -12.14 13.97
C GLY F 115 2.05 -11.81 14.44
N THR F 116 1.77 -10.56 14.83
CA THR F 116 0.39 -10.28 15.21
C THR F 116 -0.53 -10.08 14.04
N THR F 117 -0.10 -9.25 13.09
CA THR F 117 -0.89 -8.99 11.88
C THR F 117 -0.68 -10.15 10.92
N ARG F 118 0.33 -10.97 11.24
CA ARG F 118 0.65 -12.14 10.42
C ARG F 118 0.95 -11.80 8.99
N ARG F 119 1.98 -10.98 8.80
CA ARG F 119 2.43 -10.48 7.50
C ARG F 119 3.88 -10.09 7.51
N TRP F 120 4.48 -10.04 6.31
CA TRP F 120 5.85 -9.57 6.07
C TRP F 120 5.92 -8.05 5.89
N ILE F 121 6.86 -7.41 6.56
CA ILE F 121 6.96 -5.95 6.61
C ILE F 121 8.33 -5.37 6.23
N CYS F 122 8.38 -4.54 5.19
CA CYS F 122 9.66 -3.91 4.81
C CYS F 122 9.91 -2.67 5.64
N HIS F 123 11.18 -2.31 5.84
CA HIS F 123 11.49 -1.12 6.63
C HIS F 123 12.61 -0.36 5.94
N CYS F 124 12.26 0.71 5.25
CA CYS F 124 13.22 1.43 4.43
C CYS F 124 13.90 2.61 5.12
N PHE F 125 15.15 2.86 4.72
CA PHE F 125 15.98 3.95 5.22
C PHE F 125 16.73 4.62 4.09
N MET F 126 17.11 5.85 4.32
CA MET F 126 18.07 6.52 3.48
C MET F 126 19.27 6.96 4.32
N ALA F 127 20.44 6.39 4.03
CA ALA F 127 21.64 6.73 4.76
C ALA F 127 22.00 8.16 4.43
N VAL F 128 22.54 8.86 5.42
CA VAL F 128 22.83 10.25 5.18
C VAL F 128 24.25 10.47 4.63
N LYS F 129 25.22 9.84 5.29
CA LYS F 129 26.60 10.01 4.91
C LYS F 129 27.19 8.79 4.22
N ASP F 130 26.48 7.68 4.26
CA ASP F 130 27.06 6.42 3.76
C ASP F 130 26.33 5.74 2.65
N THR F 131 26.95 4.71 2.13
CA THR F 131 26.29 3.90 1.13
C THR F 131 25.39 2.84 1.73
N GLY F 132 24.35 2.50 0.99
CA GLY F 132 23.40 1.46 1.33
C GLY F 132 24.09 0.17 1.66
N GLU F 133 25.15 -0.12 0.92
CA GLU F 133 25.82 -1.37 1.14
C GLU F 133 26.56 -1.43 2.47
N ARG F 134 27.10 -0.33 2.94
CA ARG F 134 27.72 -0.35 4.26
C ARG F 134 26.72 -0.77 5.32
N LEU F 135 25.51 -0.22 5.23
CA LEU F 135 24.49 -0.59 6.21
C LEU F 135 24.10 -2.05 6.05
N SER F 136 23.83 -2.49 4.82
CA SER F 136 23.46 -3.89 4.65
C SER F 136 24.55 -4.85 5.18
N HIS F 137 25.81 -4.54 4.90
CA HIS F 137 26.91 -5.30 5.50
C HIS F 137 26.90 -5.33 7.01
N ALA F 138 26.68 -4.18 7.66
CA ALA F 138 26.68 -4.16 9.12
C ALA F 138 25.59 -5.07 9.65
N VAL F 139 24.41 -4.99 9.04
CA VAL F 139 23.32 -5.81 9.51
C VAL F 139 23.57 -7.28 9.15
N GLY F 140 24.31 -7.53 8.07
CA GLY F 140 24.72 -8.89 7.77
C GLY F 140 25.63 -9.42 8.85
N CYS F 141 26.48 -8.57 9.38
CA CYS F 141 27.30 -8.94 10.51
C CYS F 141 26.45 -9.25 11.74
N ALA F 142 25.38 -8.48 11.94
CA ALA F 142 24.43 -8.79 13.02
C ALA F 142 23.84 -10.19 12.85
N PHE F 143 23.29 -10.45 11.67
CA PHE F 143 22.74 -11.74 11.34
C PHE F 143 23.73 -12.83 11.66
N ALA F 144 24.99 -12.55 11.31
CA ALA F 144 26.08 -13.47 11.55
C ALA F 144 26.35 -13.72 13.01
N ALA F 145 26.52 -12.67 13.80
CA ALA F 145 26.79 -12.81 15.21
C ALA F 145 25.67 -13.62 15.86
N CYS F 146 24.44 -13.34 15.46
CA CYS F 146 23.32 -14.08 15.98
C CYS F 146 23.43 -15.57 15.69
N LEU F 147 23.45 -15.93 14.42
CA LEU F 147 23.62 -17.29 13.97
C LEU F 147 24.82 -17.97 14.59
N GLU F 148 25.92 -17.24 14.84
CA GLU F 148 27.06 -17.97 15.34
C GLU F 148 27.05 -18.56 16.76
N ARG F 149 26.64 -17.90 17.85
CA ARG F 149 26.60 -18.73 19.05
C ARG F 149 25.25 -19.46 19.16
N LYS F 150 24.21 -18.80 18.66
CA LYS F 150 22.86 -19.39 18.60
C LYS F 150 22.80 -20.55 17.62
N ALA G 1 6.26 -33.27 26.96
CA ALA G 1 5.50 -34.43 27.47
C ALA G 1 4.20 -34.44 26.77
N TYR G 2 3.66 -35.63 26.45
CA TYR G 2 3.76 -36.94 27.15
C TYR G 2 4.54 -38.08 26.46
N ILE G 3 4.73 -39.20 27.18
CA ILE G 3 5.42 -40.42 26.68
C ILE G 3 4.42 -41.51 26.24
N GLY G 4 4.62 -42.05 25.06
CA GLY G 4 3.64 -42.94 24.48
C GLY G 4 3.91 -44.37 24.85
N PRO G 5 2.96 -45.26 24.53
CA PRO G 5 3.03 -46.64 24.99
C PRO G 5 4.10 -47.51 24.32
N LEU G 7 7.03 -49.77 22.96
CA LEU G 7 8.07 -50.49 23.72
C LEU G 7 7.56 -50.86 25.12
N ALA H 1 -14.62 -1.07 29.68
CA ALA H 1 -13.89 -2.14 30.37
C ALA H 1 -14.25 -3.33 29.64
N TYR H 2 -13.26 -4.24 29.63
CA TYR H 2 -12.18 -4.41 30.66
C TYR H 2 -10.76 -3.85 30.52
N ILE H 3 -9.94 -4.02 31.56
CA ILE H 3 -8.49 -3.67 31.53
C ILE H 3 -7.55 -4.87 31.42
N GLY H 4 -6.79 -4.92 30.34
CA GLY H 4 -5.94 -6.05 30.07
C GLY H 4 -4.72 -6.18 30.94
N PRO H 5 -4.02 -7.32 30.77
CA PRO H 5 -2.99 -7.73 31.71
C PRO H 5 -1.65 -7.03 31.53
N LEU H 7 1.94 -5.41 31.15
CA LEU H 7 2.87 -4.71 32.07
C LEU H 7 4.15 -4.19 31.39
N ALA I 1 37.00 2.40 -29.76
CA ALA I 1 36.58 1.23 -29.01
C ALA I 1 35.51 1.59 -28.08
N TYR I 2 34.37 0.90 -28.17
CA TYR I 2 34.29 -0.47 -28.70
C TYR I 2 33.60 -0.64 -30.05
N ILE I 3 33.47 -1.89 -30.48
CA ILE I 3 32.78 -2.26 -31.72
C ILE I 3 31.43 -2.93 -31.41
N GLY I 4 30.34 -2.42 -31.98
CA GLY I 4 29.02 -2.92 -31.68
C GLY I 4 28.56 -4.11 -32.50
N PRO I 5 27.40 -4.68 -32.14
CA PRO I 5 26.89 -5.93 -32.70
C PRO I 5 26.34 -5.82 -34.12
N LEU I 7 25.57 -5.87 -38.02
CA LEU I 7 26.06 -6.58 -39.19
C LEU I 7 25.55 -5.98 -40.52
N ALA J 1 -18.91 35.59 -10.17
CA ALA J 1 -19.31 36.97 -10.41
C ALA J 1 -19.02 37.76 -9.19
N TYR J 2 -17.91 38.51 -9.18
CA TYR J 2 -17.31 39.29 -10.29
C TYR J 2 -16.07 38.77 -11.05
N ILE J 3 -15.76 39.44 -12.17
CA ILE J 3 -14.57 39.16 -13.00
C ILE J 3 -13.39 40.09 -12.68
N GLY J 4 -12.17 39.57 -12.63
CA GLY J 4 -11.03 40.35 -12.17
C GLY J 4 -10.18 41.05 -13.22
N PRO J 5 -9.24 41.88 -12.76
CA PRO J 5 -8.44 42.76 -13.62
C PRO J 5 -7.33 42.06 -14.41
N LEU J 7 -5.52 40.83 -17.20
CA LEU J 7 -5.71 40.91 -18.66
C LEU J 7 -5.44 39.58 -19.37
N ALA K 1 -27.64 11.19 -21.97
CA ALA K 1 -28.64 10.68 -22.91
C ALA K 1 -28.37 9.25 -23.15
N TYR K 2 -29.03 8.35 -22.40
CA TYR K 2 -30.43 8.39 -21.91
C TYR K 2 -30.80 8.76 -20.44
N ILE K 3 -32.11 8.78 -20.15
CA ILE K 3 -32.68 9.10 -18.82
C ILE K 3 -33.28 7.88 -18.12
N GLY K 4 -32.93 7.69 -16.85
CA GLY K 4 -33.34 6.48 -16.15
C GLY K 4 -34.76 6.41 -15.58
N PRO K 5 -35.15 5.19 -15.15
CA PRO K 5 -36.46 4.84 -14.60
C PRO K 5 -36.65 5.20 -13.13
N LEU K 7 -38.10 8.14 -10.16
CA LEU K 7 -38.71 9.43 -9.81
C LEU K 7 -38.83 9.58 -8.27
N ALA L 1 21.14 -9.08 -0.44
CA ALA L 1 21.70 -9.95 0.60
C ALA L 1 22.28 -9.02 1.53
N TYR L 2 22.21 -9.40 2.82
CA TYR L 2 22.12 -10.78 3.37
C TYR L 2 20.77 -11.41 3.76
N ILE L 3 20.79 -12.67 4.16
CA ILE L 3 19.58 -13.40 4.62
C ILE L 3 19.50 -13.62 6.15
N GLY L 4 18.60 -12.95 6.84
CA GLY L 4 18.54 -13.03 8.28
C GLY L 4 18.11 -14.36 8.86
N PRO L 5 18.04 -14.41 10.20
CA PRO L 5 17.87 -15.63 11.00
C PRO L 5 16.47 -16.13 11.13
N LEU L 7 13.03 -17.83 11.11
CA LEU L 7 12.56 -19.14 10.71
C LEU L 7 11.07 -19.16 10.30
#